data_4FPY
#
_entry.id   4FPY
#
_cell.length_a   76.228
_cell.length_b   82.511
_cell.length_c   115.873
_cell.angle_alpha   90.000
_cell.angle_beta   90.000
_cell.angle_gamma   90.000
#
_symmetry.space_group_name_H-M   'P 21 21 21'
#
loop_
_entity.id
_entity.type
_entity.pdbx_description
1 polymer 'Sialidase B'
2 non-polymer '2-[(3-bromobenzyl)amino]ethanesulfonic acid'
3 non-polymer 'DIMETHYL SULFOXIDE'
4 water water
#
_entity_poly.entity_id   1
_entity_poly.type   'polypeptide(L)'
_entity_poly.pdbx_seq_one_letter_code
;MNKRGLYSKLGISVVGISLLMGVPTLIHANELNYGQLSISPIFQGGSYQLNNKSIDISSLLLDKLSGESQTVVMKFKADK
PNSLQALFGLSNSKAGFKNNYFSIFMRDSGEIGVEIRDAQKGINYLFSRPASLWGKHKGQAVENTLVFVSDSKDKTYTMY
VNGIEVFSETVDTFLPISNINGIDKATLGAVNREGKEHYLAKGSIDEISLFNKAISDQEVSTIPLSNPFQLIFQSGDSTQ
ANYFRIPTLYTLSSGRVLSSIDARYGGTHDSKSKINIATSYSDDNGKTWSEPIFAMKFNDYEEQLVYWPRDNKLKNSQIS
GSASFIDSSIVEDKKSGKTILLADVMPAGIGNNNANKADSGFKEINGHYYLKLKKNGDNDFRYTVRENGVVYNETTNKPT
NYTINDKYEVLEGGKSLTVEQYSVDFDSGSLRERHNGKQVPMNVFYKDSLFKVTPTNYIAMTTSQNRGESWEQFKLLPPF
LGEKHNGTYLCPGQGLALKSSNRLIFATYTSGELTYLISDDSGQTWKKSSASIPFKNATAEAQMVELRDGVIRTFFRTTT
GKIAYMTSRDSGETWSKVSYIDGIQQTSYGTQVSAIKYSQLIDGKEAVILSTPNSRSGRKGGQLVVGLVNKEDDSIDWKY
HYDIDLPSYGYAYSAITELPNHHIGVLFEKYDSWSRNELHLSNVVQYIDLEINDLTK
;
_entity_poly.pdbx_strand_id   A
#
# COMPACT_ATOMS: atom_id res chain seq x y z
N ILE A 39 23.09 16.18 -26.99
CA ILE A 39 22.81 15.12 -26.02
C ILE A 39 22.29 13.88 -26.74
N SER A 40 23.17 13.25 -27.51
CA SER A 40 22.76 12.19 -28.44
C SER A 40 23.44 10.85 -28.12
N PRO A 41 22.80 9.74 -28.52
CA PRO A 41 23.32 8.41 -28.21
C PRO A 41 24.61 8.10 -28.97
N ILE A 42 25.52 7.40 -28.30
CA ILE A 42 26.73 6.90 -28.92
C ILE A 42 26.43 5.52 -29.51
N PHE A 43 25.33 4.94 -29.09
CA PHE A 43 24.86 3.67 -29.62
C PHE A 43 23.35 3.61 -29.51
N GLN A 44 22.71 3.12 -30.56
CA GLN A 44 21.27 2.98 -30.57
C GLN A 44 20.92 1.77 -31.41
N GLY A 45 20.11 0.88 -30.84
CA GLY A 45 19.72 -0.34 -31.54
C GLY A 45 18.44 -0.88 -30.96
N GLY A 46 17.82 -1.81 -31.67
CA GLY A 46 16.55 -2.34 -31.19
C GLY A 46 16.07 -3.58 -31.89
N SER A 47 14.86 -4.02 -31.53
CA SER A 47 14.28 -5.25 -32.04
C SER A 47 15.21 -6.45 -31.79
N TYR A 48 15.79 -6.52 -30.61
CA TYR A 48 16.53 -7.72 -30.23
C TYR A 48 15.63 -8.73 -29.55
N GLN A 49 15.74 -9.98 -29.97
CA GLN A 49 15.00 -11.07 -29.34
C GLN A 49 15.97 -11.88 -28.48
N LEU A 50 15.74 -11.90 -27.18
CA LEU A 50 16.55 -12.70 -26.27
C LEU A 50 15.85 -14.04 -26.03
N ASN A 51 16.29 -15.09 -26.72
CA ASN A 51 15.71 -16.42 -26.56
C ASN A 51 16.75 -17.41 -26.06
N ASN A 52 17.24 -17.16 -24.84
CA ASN A 52 18.26 -18.01 -24.23
C ASN A 52 19.51 -18.10 -25.10
N LYS A 53 19.82 -17.00 -25.78
CA LYS A 53 21.02 -16.89 -26.59
C LYS A 53 21.46 -15.44 -26.65
N SER A 54 22.60 -15.15 -26.04
CA SER A 54 23.11 -13.79 -25.96
C SER A 54 23.42 -13.22 -27.33
N ILE A 55 23.36 -11.89 -27.45
CA ILE A 55 23.68 -11.19 -28.69
C ILE A 55 24.90 -10.31 -28.51
N ASP A 56 25.87 -10.46 -29.39
CA ASP A 56 27.12 -9.71 -29.27
C ASP A 56 27.07 -8.35 -30.00
N ILE A 57 27.26 -7.28 -29.24
CA ILE A 57 27.24 -5.94 -29.77
C ILE A 57 28.54 -5.21 -29.45
N SER A 58 29.58 -5.98 -29.11
CA SER A 58 30.87 -5.41 -28.71
C SER A 58 31.44 -4.48 -29.77
N SER A 59 31.39 -4.91 -31.03
CA SER A 59 32.01 -4.14 -32.11
C SER A 59 31.28 -2.83 -32.31
N LEU A 60 29.98 -2.85 -32.06
CA LEU A 60 29.14 -1.65 -32.21
C LEU A 60 29.33 -0.63 -31.07
N LEU A 61 29.59 -1.12 -29.86
CA LEU A 61 29.49 -0.27 -28.68
C LEU A 61 30.81 0.05 -27.99
N LEU A 62 31.64 -0.96 -27.75
CA LEU A 62 32.82 -0.81 -26.89
C LEU A 62 33.72 0.40 -27.20
N ASP A 63 34.09 0.59 -28.47
CA ASP A 63 34.97 1.70 -28.80
C ASP A 63 34.29 3.07 -28.77
N LYS A 64 32.96 3.09 -28.61
CA LYS A 64 32.21 4.33 -28.49
C LYS A 64 32.20 4.82 -27.04
N LEU A 65 32.44 3.90 -26.11
CA LEU A 65 32.37 4.22 -24.69
C LEU A 65 33.53 5.09 -24.28
N SER A 66 33.24 6.23 -23.66
CA SER A 66 34.29 7.12 -23.26
C SER A 66 33.87 8.05 -22.12
N GLY A 67 34.84 8.40 -21.28
CA GLY A 67 34.56 9.17 -20.09
C GLY A 67 34.00 8.24 -19.02
N GLU A 68 33.81 8.76 -17.82
CA GLU A 68 33.44 7.92 -16.69
C GLU A 68 31.95 7.96 -16.27
N SER A 69 31.13 8.69 -17.04
CA SER A 69 29.69 8.76 -16.81
C SER A 69 28.91 8.19 -18.00
N GLN A 70 27.93 7.33 -17.73
CA GLN A 70 27.13 6.74 -18.80
C GLN A 70 25.65 6.65 -18.41
N THR A 71 24.77 6.74 -19.40
CA THR A 71 23.35 6.50 -19.23
C THR A 71 22.92 5.39 -20.18
N VAL A 72 22.22 4.40 -19.64
CA VAL A 72 21.60 3.36 -20.45
C VAL A 72 20.09 3.57 -20.46
N VAL A 73 19.52 3.59 -21.65
CA VAL A 73 18.07 3.63 -21.77
C VAL A 73 17.67 2.36 -22.50
N MET A 74 16.72 1.64 -21.94
CA MET A 74 16.34 0.35 -22.51
C MET A 74 14.84 0.13 -22.41
N LYS A 75 14.20 -0.12 -23.53
CA LYS A 75 12.80 -0.52 -23.55
C LYS A 75 12.74 -2.00 -23.84
N PHE A 76 12.20 -2.76 -22.90
CA PHE A 76 12.24 -4.21 -23.00
C PHE A 76 10.95 -4.88 -22.51
N LYS A 77 10.72 -6.09 -23.02
CA LYS A 77 9.62 -6.91 -22.55
C LYS A 77 10.20 -8.19 -21.96
N ALA A 78 9.55 -8.70 -20.93
CA ALA A 78 9.92 -10.00 -20.39
C ALA A 78 8.70 -10.59 -19.70
N ASP A 79 7.87 -11.30 -20.47
CA ASP A 79 6.65 -11.88 -19.92
C ASP A 79 6.86 -13.34 -19.52
N LYS A 80 8.00 -13.91 -19.89
CA LYS A 80 8.32 -15.28 -19.45
C LYS A 80 9.77 -15.38 -18.96
N PRO A 81 10.14 -14.54 -17.98
CA PRO A 81 11.56 -14.47 -17.63
C PRO A 81 12.09 -15.77 -17.04
N ASN A 82 13.39 -15.98 -17.19
CA ASN A 82 14.06 -17.01 -16.40
C ASN A 82 14.15 -16.52 -14.96
N SER A 83 14.59 -17.40 -14.06
CA SER A 83 14.64 -17.07 -12.63
C SER A 83 15.51 -15.85 -12.33
N LEU A 84 16.66 -15.80 -12.99
CA LEU A 84 17.61 -14.71 -12.85
C LEU A 84 18.27 -14.51 -14.20
N GLN A 85 18.13 -13.31 -14.76
CA GLN A 85 18.66 -13.07 -16.10
C GLN A 85 19.19 -11.66 -16.30
N ALA A 86 20.25 -11.54 -17.08
CA ALA A 86 20.80 -10.23 -17.41
C ALA A 86 20.25 -9.76 -18.74
N LEU A 87 19.91 -8.47 -18.79
CA LEU A 87 19.42 -7.84 -20.01
C LEU A 87 20.62 -7.29 -20.78
N PHE A 88 21.62 -6.84 -20.05
CA PHE A 88 22.73 -6.11 -20.65
C PHE A 88 24.00 -6.34 -19.84
N GLY A 89 25.09 -6.70 -20.52
CA GLY A 89 26.37 -6.90 -19.86
C GLY A 89 27.53 -6.22 -20.57
N LEU A 90 28.43 -5.63 -19.78
CA LEU A 90 29.76 -5.23 -20.23
C LEU A 90 30.75 -6.05 -19.43
N SER A 91 31.57 -6.86 -20.07
CA SER A 91 32.42 -7.78 -19.30
C SER A 91 33.83 -7.98 -19.84
N ASN A 92 34.73 -8.29 -18.92
CA ASN A 92 36.01 -8.90 -19.25
C ASN A 92 35.73 -10.38 -19.42
N SER A 93 35.75 -10.87 -20.65
CA SER A 93 35.45 -12.28 -20.90
C SER A 93 36.65 -13.21 -20.73
N LYS A 94 37.80 -12.67 -20.32
CA LYS A 94 39.04 -13.48 -20.26
C LYS A 94 39.13 -14.40 -19.03
N ALA A 95 39.86 -15.50 -19.18
CA ALA A 95 40.06 -16.46 -18.10
C ALA A 95 40.66 -15.77 -16.89
N GLY A 96 40.14 -16.09 -15.70
CA GLY A 96 40.64 -15.47 -14.48
C GLY A 96 40.02 -14.11 -14.15
N PHE A 97 39.16 -13.60 -15.03
CA PHE A 97 38.53 -12.30 -14.80
C PHE A 97 37.00 -12.38 -14.77
N LYS A 98 36.49 -13.47 -14.22
CA LYS A 98 35.06 -13.74 -14.18
C LYS A 98 34.29 -12.72 -13.33
N ASN A 99 35.00 -12.00 -12.47
CA ASN A 99 34.34 -11.05 -11.58
C ASN A 99 34.61 -9.60 -11.99
N ASN A 100 34.85 -9.40 -13.28
CA ASN A 100 35.05 -8.07 -13.83
C ASN A 100 33.98 -7.80 -14.88
N TYR A 101 32.83 -7.32 -14.43
CA TYR A 101 31.75 -7.02 -15.35
C TYR A 101 30.76 -6.02 -14.77
N PHE A 102 30.05 -5.36 -15.66
CA PHE A 102 28.86 -4.59 -15.32
C PHE A 102 27.68 -5.30 -15.96
N SER A 103 26.57 -5.33 -15.24
CA SER A 103 25.36 -5.95 -15.76
C SER A 103 24.10 -5.24 -15.27
N ILE A 104 23.06 -5.28 -16.09
CA ILE A 104 21.71 -4.94 -15.68
C ILE A 104 20.95 -6.26 -15.68
N PHE A 105 20.43 -6.65 -14.52
CA PHE A 105 19.76 -7.95 -14.40
C PHE A 105 18.34 -7.81 -13.82
N MET A 106 17.55 -8.87 -13.97
CA MET A 106 16.24 -8.94 -13.37
C MET A 106 16.02 -10.35 -12.82
N ARG A 107 15.00 -10.50 -11.97
CA ARG A 107 14.60 -11.81 -11.46
C ARG A 107 13.14 -12.03 -11.81
N ASP A 108 12.70 -13.29 -11.81
CA ASP A 108 11.31 -13.56 -12.17
C ASP A 108 10.33 -13.09 -11.08
N SER A 109 10.85 -12.54 -9.98
CA SER A 109 10.03 -11.89 -8.96
C SER A 109 9.67 -10.44 -9.33
N GLY A 110 10.24 -9.93 -10.43
CA GLY A 110 10.07 -8.53 -10.79
C GLY A 110 11.15 -7.58 -10.28
N GLU A 111 12.13 -8.13 -9.57
CA GLU A 111 13.25 -7.33 -9.09
C GLU A 111 14.16 -6.88 -10.24
N ILE A 112 14.70 -5.66 -10.14
CA ILE A 112 15.69 -5.16 -11.08
C ILE A 112 16.96 -4.79 -10.30
N GLY A 113 18.10 -4.91 -10.96
CA GLY A 113 19.35 -4.51 -10.34
C GLY A 113 20.51 -4.32 -11.31
N VAL A 114 21.65 -3.88 -10.77
CA VAL A 114 22.91 -3.91 -11.50
C VAL A 114 24.01 -4.49 -10.63
N GLU A 115 25.01 -5.09 -11.27
CA GLU A 115 26.26 -5.43 -10.62
C GLU A 115 27.36 -4.63 -11.27
N ILE A 116 28.30 -4.16 -10.46
CA ILE A 116 29.43 -3.40 -10.96
C ILE A 116 30.68 -3.92 -10.27
N ARG A 117 31.43 -4.78 -10.97
CA ARG A 117 32.49 -5.54 -10.33
C ARG A 117 33.82 -5.43 -11.05
N ASP A 118 34.87 -5.20 -10.27
CA ASP A 118 36.25 -5.19 -10.75
C ASP A 118 37.15 -5.82 -9.68
N ALA A 119 37.74 -6.97 -9.99
CA ALA A 119 38.54 -7.72 -9.01
C ALA A 119 39.82 -7.00 -8.63
N GLN A 120 40.43 -6.33 -9.59
CA GLN A 120 41.70 -5.66 -9.34
C GLN A 120 41.49 -4.43 -8.45
N LYS A 121 40.32 -3.83 -8.54
CA LYS A 121 40.00 -2.67 -7.71
C LYS A 121 39.42 -3.12 -6.38
N GLY A 122 39.10 -4.40 -6.26
CA GLY A 122 38.44 -4.91 -5.07
C GLY A 122 37.05 -4.33 -4.87
N ILE A 123 36.32 -4.14 -5.97
CA ILE A 123 34.98 -3.57 -5.91
C ILE A 123 33.91 -4.57 -6.38
N ASN A 124 32.94 -4.84 -5.51
CA ASN A 124 31.80 -5.67 -5.87
C ASN A 124 30.46 -5.03 -5.47
N TYR A 125 30.01 -4.12 -6.32
CA TYR A 125 28.77 -3.41 -6.07
C TYR A 125 27.59 -4.19 -6.61
N LEU A 126 26.55 -4.28 -5.80
CA LEU A 126 25.27 -4.80 -6.25
C LEU A 126 24.18 -3.89 -5.71
N PHE A 127 23.41 -3.30 -6.61
CA PHE A 127 22.29 -2.45 -6.21
C PHE A 127 21.02 -3.04 -6.81
N SER A 128 19.95 -3.13 -6.03
CA SER A 128 18.70 -3.64 -6.56
C SER A 128 17.47 -3.20 -5.80
N ARG A 129 16.31 -3.40 -6.42
CA ARG A 129 15.04 -3.25 -5.72
C ARG A 129 14.04 -4.28 -6.23
N PRO A 130 13.43 -5.02 -5.29
CA PRO A 130 12.37 -5.97 -5.65
C PRO A 130 11.19 -5.22 -6.30
N ALA A 131 10.29 -5.96 -6.93
CA ALA A 131 9.00 -5.39 -7.38
C ALA A 131 9.13 -4.09 -8.20
N SER A 132 9.93 -4.12 -9.26
CA SER A 132 10.19 -2.93 -10.05
C SER A 132 9.64 -3.04 -11.47
N LEU A 133 9.07 -4.18 -11.82
CA LEU A 133 8.72 -4.45 -13.22
C LEU A 133 7.27 -4.84 -13.45
N TRP A 134 6.81 -4.64 -14.68
CA TRP A 134 5.60 -5.30 -15.17
C TRP A 134 5.95 -6.42 -16.14
N GLY A 135 5.09 -7.41 -16.22
CA GLY A 135 5.27 -8.52 -17.15
C GLY A 135 4.27 -8.44 -18.30
N LYS A 136 2.99 -8.46 -17.95
CA LYS A 136 1.89 -8.51 -18.91
C LYS A 136 0.74 -7.62 -18.42
N HIS A 137 -0.05 -7.11 -19.35
CA HIS A 137 -1.25 -6.35 -19.05
C HIS A 137 -2.25 -6.55 -20.19
N LYS A 138 -3.45 -7.04 -19.84
CA LYS A 138 -4.47 -7.41 -20.83
C LYS A 138 -3.95 -8.45 -21.80
N GLY A 139 -3.15 -9.38 -21.31
CA GLY A 139 -2.63 -10.44 -22.14
C GLY A 139 -1.35 -10.12 -22.90
N GLN A 140 -1.07 -8.84 -23.12
CA GLN A 140 0.10 -8.42 -23.90
C GLN A 140 1.32 -8.10 -23.04
N ALA A 141 2.49 -8.55 -23.49
CA ALA A 141 3.76 -8.18 -22.90
C ALA A 141 3.90 -6.65 -22.72
N VAL A 142 4.28 -6.24 -21.51
CA VAL A 142 4.46 -4.82 -21.22
C VAL A 142 5.85 -4.34 -21.61
N GLU A 143 5.89 -3.21 -22.32
CA GLU A 143 7.17 -2.57 -22.60
C GLU A 143 7.61 -1.75 -21.39
N ASN A 144 8.59 -2.26 -20.64
CA ASN A 144 9.18 -1.54 -19.51
C ASN A 144 10.22 -0.55 -20.02
N THR A 145 10.25 0.64 -19.44
CA THR A 145 11.24 1.64 -19.82
C THR A 145 12.23 1.79 -18.67
N LEU A 146 13.47 1.39 -18.92
CA LEU A 146 14.49 1.38 -17.91
C LEU A 146 15.56 2.42 -18.23
N VAL A 147 15.88 3.24 -17.24
CA VAL A 147 16.91 4.27 -17.40
C VAL A 147 17.90 4.14 -16.27
N PHE A 148 19.14 3.81 -16.60
CA PHE A 148 20.20 3.68 -15.60
C PHE A 148 21.26 4.75 -15.78
N VAL A 149 21.48 5.53 -14.73
CA VAL A 149 22.40 6.64 -14.81
C VAL A 149 23.60 6.40 -13.91
N SER A 150 24.79 6.34 -14.51
CA SER A 150 26.05 6.17 -13.78
C SER A 150 26.82 7.48 -13.80
N ASP A 151 26.85 8.16 -12.66
CA ASP A 151 27.31 9.54 -12.60
C ASP A 151 28.62 9.62 -11.82
N SER A 152 29.74 9.75 -12.54
CA SER A 152 31.06 9.80 -11.89
C SER A 152 31.28 11.06 -11.07
N LYS A 153 30.63 12.15 -11.45
CA LYS A 153 30.86 13.41 -10.76
C LYS A 153 30.22 13.40 -9.39
N ASP A 154 29.01 12.85 -9.29
CA ASP A 154 28.31 12.75 -8.01
C ASP A 154 28.57 11.41 -7.32
N LYS A 155 29.35 10.55 -7.98
CA LYS A 155 29.63 9.21 -7.47
C LYS A 155 28.35 8.45 -7.15
N THR A 156 27.40 8.50 -8.07
CA THR A 156 26.06 8.02 -7.78
C THR A 156 25.53 7.17 -8.94
N TYR A 157 24.90 6.05 -8.58
CA TYR A 157 24.22 5.21 -9.55
C TYR A 157 22.72 5.30 -9.29
N THR A 158 21.94 5.59 -10.31
CA THR A 158 20.50 5.75 -10.16
C THR A 158 19.76 4.91 -11.19
N MET A 159 18.71 4.23 -10.75
CA MET A 159 17.91 3.40 -11.64
C MET A 159 16.43 3.86 -11.65
N TYR A 160 15.90 4.03 -12.86
CA TYR A 160 14.49 4.32 -13.04
C TYR A 160 13.86 3.21 -13.84
N VAL A 161 12.68 2.77 -13.42
CA VAL A 161 11.91 1.87 -14.26
C VAL A 161 10.48 2.38 -14.35
N ASN A 162 10.02 2.56 -15.59
CA ASN A 162 8.66 3.00 -15.85
C ASN A 162 8.37 4.33 -15.16
N GLY A 163 9.36 5.22 -15.19
CA GLY A 163 9.18 6.55 -14.63
C GLY A 163 9.30 6.62 -13.12
N ILE A 164 9.69 5.51 -12.50
CA ILE A 164 9.84 5.46 -11.06
C ILE A 164 11.29 5.18 -10.68
N GLU A 165 11.85 6.04 -9.84
CA GLU A 165 13.18 5.83 -9.31
C GLU A 165 13.14 4.73 -8.27
N VAL A 166 13.84 3.63 -8.53
CA VAL A 166 13.80 2.46 -7.64
C VAL A 166 15.06 2.30 -6.78
N PHE A 167 16.15 2.93 -7.18
CA PHE A 167 17.29 3.12 -6.28
C PHE A 167 18.18 4.27 -6.74
N SER A 168 18.83 4.91 -5.78
CA SER A 168 19.82 5.95 -6.03
C SER A 168 20.93 5.81 -4.99
N GLU A 169 22.08 5.33 -5.41
CA GLU A 169 23.14 4.97 -4.46
C GLU A 169 24.44 5.75 -4.69
N THR A 170 24.89 6.43 -3.63
CA THR A 170 26.17 7.13 -3.62
C THR A 170 27.26 6.28 -2.98
N VAL A 171 28.46 6.26 -3.56
CA VAL A 171 29.56 5.48 -3.01
C VAL A 171 30.80 6.35 -2.79
N ASP A 172 31.68 5.93 -1.90
CA ASP A 172 32.93 6.64 -1.67
C ASP A 172 33.89 6.40 -2.84
N THR A 173 33.98 5.14 -3.26
CA THR A 173 34.84 4.78 -4.39
C THR A 173 33.99 4.46 -5.62
N PHE A 174 33.96 5.40 -6.55
CA PHE A 174 33.14 5.23 -7.74
C PHE A 174 33.81 4.33 -8.76
N LEU A 175 33.03 3.43 -9.36
CA LEU A 175 33.51 2.61 -10.45
C LEU A 175 32.73 2.90 -11.74
N PRO A 176 33.34 3.63 -12.67
CA PRO A 176 32.74 3.84 -13.99
C PRO A 176 32.55 2.48 -14.65
N ILE A 177 31.40 2.24 -15.26
CA ILE A 177 31.09 0.92 -15.84
C ILE A 177 31.99 0.59 -17.01
N SER A 178 32.59 1.63 -17.58
CA SER A 178 33.41 1.52 -18.77
C SER A 178 34.84 1.25 -18.34
N ASN A 179 35.10 1.49 -17.07
CA ASN A 179 36.46 1.49 -16.55
C ASN A 179 36.83 0.19 -15.81
N ILE A 180 36.02 -0.84 -15.99
CA ILE A 180 36.33 -2.15 -15.43
C ILE A 180 37.50 -2.77 -16.21
N ASN A 181 38.53 -3.19 -15.48
CA ASN A 181 39.78 -3.73 -16.04
C ASN A 181 39.57 -4.81 -17.11
N GLY A 182 40.05 -4.53 -18.32
CA GLY A 182 39.99 -5.48 -19.43
C GLY A 182 38.63 -5.81 -20.01
N ILE A 183 37.66 -4.92 -19.87
CA ILE A 183 36.37 -5.14 -20.55
C ILE A 183 36.61 -5.36 -22.05
N ASP A 184 36.02 -6.42 -22.59
CA ASP A 184 36.19 -6.71 -24.01
C ASP A 184 34.94 -7.26 -24.66
N LYS A 185 33.82 -7.24 -23.94
CA LYS A 185 32.56 -7.72 -24.47
C LYS A 185 31.39 -6.82 -24.08
N ALA A 186 30.54 -6.49 -25.03
CA ALA A 186 29.24 -5.88 -24.77
C ALA A 186 28.20 -6.89 -25.23
N THR A 187 27.29 -7.23 -24.34
CA THR A 187 26.37 -8.33 -24.58
C THR A 187 24.92 -7.98 -24.25
N LEU A 188 24.00 -8.49 -25.05
CA LEU A 188 22.59 -8.39 -24.72
C LEU A 188 22.06 -9.77 -24.34
N GLY A 189 21.40 -9.84 -23.18
CA GLY A 189 20.69 -11.05 -22.79
C GLY A 189 21.56 -12.12 -22.13
N ALA A 190 22.76 -11.74 -21.73
CA ALA A 190 23.62 -12.58 -20.89
C ALA A 190 24.79 -11.75 -20.41
N VAL A 191 25.63 -12.33 -19.57
CA VAL A 191 26.93 -11.74 -19.28
C VAL A 191 28.00 -12.77 -19.68
N ASN A 192 28.95 -12.35 -20.50
CA ASN A 192 30.05 -13.24 -20.92
C ASN A 192 31.17 -13.27 -19.88
N ARG A 193 31.27 -14.38 -19.17
CA ARG A 193 32.33 -14.57 -18.17
C ARG A 193 33.17 -15.78 -18.56
N GLU A 194 34.47 -15.56 -18.77
CA GLU A 194 35.38 -16.63 -19.15
C GLU A 194 34.86 -17.43 -20.35
N GLY A 195 34.22 -16.74 -21.29
CA GLY A 195 33.81 -17.35 -22.54
C GLY A 195 32.45 -18.00 -22.54
N LYS A 196 31.74 -17.96 -21.42
CA LYS A 196 30.42 -18.59 -21.33
C LYS A 196 29.27 -17.63 -21.01
N GLU A 197 28.07 -18.00 -21.45
CA GLU A 197 26.87 -17.20 -21.25
C GLU A 197 26.27 -17.38 -19.86
N HIS A 198 26.53 -16.44 -18.97
CA HIS A 198 25.89 -16.46 -17.65
C HIS A 198 24.60 -15.62 -17.65
N TYR A 199 23.65 -16.01 -16.83
CA TYR A 199 22.41 -15.25 -16.67
C TYR A 199 21.65 -15.09 -17.99
N LEU A 200 21.55 -16.17 -18.75
CA LEU A 200 20.83 -16.17 -20.02
C LEU A 200 19.41 -15.64 -19.89
N ALA A 201 19.02 -14.74 -20.78
CA ALA A 201 17.69 -14.14 -20.70
C ALA A 201 16.69 -14.65 -21.73
N LYS A 202 15.42 -14.68 -21.31
CA LYS A 202 14.27 -14.83 -22.19
C LYS A 202 13.52 -13.49 -22.18
N GLY A 203 13.32 -12.91 -23.35
CA GLY A 203 12.61 -11.65 -23.47
C GLY A 203 12.99 -10.91 -24.74
N SER A 204 12.84 -9.59 -24.73
CA SER A 204 13.20 -8.81 -25.90
C SER A 204 13.59 -7.40 -25.52
N ILE A 205 14.47 -6.81 -26.32
CA ILE A 205 14.87 -5.42 -26.11
C ILE A 205 14.50 -4.63 -27.34
N ASP A 206 13.35 -3.96 -27.29
CA ASP A 206 12.81 -3.30 -28.47
C ASP A 206 13.66 -2.09 -28.84
N GLU A 207 14.33 -1.53 -27.84
CA GLU A 207 15.12 -0.32 -28.03
C GLU A 207 16.18 -0.16 -26.94
N ILE A 208 17.42 0.05 -27.35
CA ILE A 208 18.45 0.35 -26.37
C ILE A 208 19.35 1.50 -26.87
N SER A 209 19.64 2.42 -25.96
CA SER A 209 20.46 3.57 -26.27
C SER A 209 21.47 3.75 -25.14
N LEU A 210 22.66 4.23 -25.48
CA LEU A 210 23.68 4.55 -24.49
C LEU A 210 24.24 5.93 -24.73
N PHE A 211 24.62 6.60 -23.65
CA PHE A 211 25.07 7.98 -23.70
C PHE A 211 26.31 8.06 -22.85
N ASN A 212 27.30 8.82 -23.32
CA ASN A 212 28.49 9.10 -22.53
C ASN A 212 28.27 10.34 -21.70
N LYS A 213 27.25 10.27 -20.86
CA LYS A 213 26.88 11.37 -19.98
C LYS A 213 25.91 10.82 -18.95
N ALA A 214 25.88 11.45 -17.79
CA ALA A 214 24.87 11.18 -16.79
C ALA A 214 23.73 12.16 -17.01
N ILE A 215 22.66 11.73 -17.65
CA ILE A 215 21.57 12.66 -17.93
C ILE A 215 20.85 13.08 -16.65
N SER A 216 20.41 14.34 -16.61
CA SER A 216 19.76 14.90 -15.44
C SER A 216 18.40 14.24 -15.14
N ASP A 217 17.98 14.35 -13.88
CA ASP A 217 16.68 13.85 -13.47
C ASP A 217 15.58 14.48 -14.34
N GLN A 218 15.82 15.73 -14.75
CA GLN A 218 14.90 16.44 -15.62
C GLN A 218 14.80 15.78 -16.99
N GLU A 219 15.95 15.58 -17.61
CA GLU A 219 16.02 14.94 -18.92
C GLU A 219 15.41 13.54 -18.89
N VAL A 220 15.53 12.85 -17.76
CA VAL A 220 14.93 11.52 -17.58
C VAL A 220 13.41 11.58 -17.69
N SER A 221 12.83 12.63 -17.13
CA SER A 221 11.38 12.79 -17.09
C SER A 221 10.77 13.08 -18.47
N THR A 222 11.61 13.39 -19.44
CA THR A 222 11.11 13.69 -20.79
C THR A 222 11.09 12.46 -21.70
N ILE A 223 11.68 11.37 -21.23
CA ILE A 223 11.69 10.12 -21.98
C ILE A 223 10.29 9.50 -21.99
N PRO A 224 9.77 9.16 -23.18
CA PRO A 224 8.42 8.59 -23.28
C PRO A 224 8.30 7.22 -22.63
N LEU A 225 7.17 6.98 -21.98
CA LEU A 225 6.92 5.74 -21.26
C LEU A 225 5.76 5.02 -21.91
N SER A 226 5.68 3.72 -21.71
CA SER A 226 4.53 2.96 -22.20
C SER A 226 3.91 2.23 -21.01
N ASN A 227 3.61 2.98 -19.96
CA ASN A 227 3.12 2.35 -18.73
C ASN A 227 1.69 1.82 -18.86
N PRO A 228 1.45 0.63 -18.32
CA PRO A 228 0.09 0.06 -18.26
C PRO A 228 -0.70 0.57 -17.06
N PHE A 229 -0.03 1.31 -16.17
CA PHE A 229 -0.61 1.77 -14.92
C PHE A 229 -0.44 3.28 -14.76
N GLN A 230 -1.10 3.82 -13.74
CA GLN A 230 -0.87 5.19 -13.31
C GLN A 230 -0.77 5.22 -11.79
N LEU A 231 -0.29 6.35 -11.28
CA LEU A 231 -0.20 6.54 -9.85
C LEU A 231 -1.22 7.57 -9.44
N ILE A 232 -1.93 7.28 -8.36
CA ILE A 232 -2.83 8.22 -7.72
C ILE A 232 -2.01 8.87 -6.61
N PHE A 233 -1.61 8.06 -5.64
CA PHE A 233 -0.71 8.53 -4.59
C PHE A 233 0.73 8.17 -4.96
N GLN A 234 1.67 9.06 -4.66
CA GLN A 234 3.07 8.82 -5.03
C GLN A 234 4.05 9.64 -4.19
N SER A 235 5.31 9.18 -4.14
CA SER A 235 6.36 9.83 -3.37
C SER A 235 6.56 11.27 -3.84
N GLY A 236 6.50 12.21 -2.91
CA GLY A 236 6.72 13.61 -3.22
C GLY A 236 5.43 14.40 -3.43
N ASP A 237 4.30 13.73 -3.32
CA ASP A 237 3.03 14.44 -3.43
C ASP A 237 2.73 15.20 -2.14
N SER A 238 1.53 15.76 -2.08
CA SER A 238 1.11 16.59 -0.96
C SER A 238 1.12 15.89 0.39
N THR A 239 1.07 14.55 0.41
CA THR A 239 1.08 13.85 1.69
C THR A 239 2.45 13.89 2.31
N GLN A 240 3.48 13.94 1.46
CA GLN A 240 4.88 13.84 1.87
C GLN A 240 5.21 12.52 2.56
N ALA A 241 4.38 11.50 2.33
CA ALA A 241 4.75 10.13 2.74
C ALA A 241 5.52 9.46 1.61
N ASN A 242 6.59 8.78 1.94
CA ASN A 242 7.37 8.09 0.93
C ASN A 242 6.78 6.72 0.60
N TYR A 243 5.78 6.30 1.38
CA TYR A 243 5.19 4.96 1.25
C TYR A 243 3.68 4.96 1.39
N PHE A 244 3.03 3.98 0.78
CA PHE A 244 1.57 3.88 0.77
C PHE A 244 1.16 2.41 0.85
N ARG A 245 0.08 2.16 1.58
CA ARG A 245 -0.47 0.81 1.70
C ARG A 245 -1.98 0.91 1.93
N ILE A 246 -2.65 -0.23 1.80
CA ILE A 246 -4.07 -0.33 2.11
C ILE A 246 -4.92 0.60 1.25
N PRO A 247 -4.93 0.38 -0.07
CA PRO A 247 -5.73 1.22 -0.96
C PRO A 247 -7.23 0.91 -0.89
N THR A 248 -8.06 1.93 -1.10
CA THR A 248 -9.50 1.76 -1.23
C THR A 248 -10.01 2.50 -2.48
N LEU A 249 -11.17 2.08 -2.98
CA LEU A 249 -11.81 2.73 -4.12
C LEU A 249 -13.32 2.66 -3.94
N TYR A 250 -13.99 3.75 -4.28
CA TYR A 250 -15.43 3.81 -4.19
C TYR A 250 -15.98 4.78 -5.24
N THR A 251 -16.98 4.32 -5.99
CA THR A 251 -17.63 5.18 -6.98
C THR A 251 -18.83 5.91 -6.38
N LEU A 252 -18.74 7.24 -6.36
CA LEU A 252 -19.82 8.08 -5.81
C LEU A 252 -20.94 8.30 -6.85
N SER A 253 -22.11 8.70 -6.36
CA SER A 253 -23.29 8.81 -7.22
C SER A 253 -23.18 9.91 -8.28
N SER A 254 -22.42 10.97 -7.97
CA SER A 254 -22.11 11.98 -8.98
C SER A 254 -21.20 11.47 -10.11
N GLY A 255 -20.61 10.29 -9.92
CA GLY A 255 -19.68 9.77 -10.92
C GLY A 255 -18.23 10.00 -10.52
N ARG A 256 -18.03 10.88 -9.55
CA ARG A 256 -16.71 11.03 -8.93
C ARG A 256 -16.29 9.72 -8.30
N VAL A 257 -15.05 9.31 -8.57
CA VAL A 257 -14.49 8.11 -7.98
C VAL A 257 -13.50 8.52 -6.91
N LEU A 258 -13.70 8.01 -5.70
CA LEU A 258 -12.90 8.40 -4.57
C LEU A 258 -11.96 7.28 -4.12
N SER A 259 -10.76 7.65 -3.71
CA SER A 259 -9.79 6.71 -3.19
C SER A 259 -9.24 7.17 -1.83
N SER A 260 -9.12 6.24 -0.89
CA SER A 260 -8.40 6.52 0.35
C SER A 260 -7.23 5.54 0.47
N ILE A 261 -6.30 5.84 1.36
CA ILE A 261 -5.07 5.04 1.48
C ILE A 261 -4.36 5.39 2.79
N ASP A 262 -3.54 4.45 3.27
CA ASP A 262 -2.61 4.73 4.35
C ASP A 262 -1.44 5.50 3.75
N ALA A 263 -1.23 6.73 4.20
CA ALA A 263 -0.01 7.46 3.86
C ALA A 263 1.00 7.10 4.94
N ARG A 264 1.96 6.25 4.61
CA ARG A 264 2.84 5.71 5.64
C ARG A 264 4.22 6.34 5.61
N TYR A 265 4.60 6.96 6.72
CA TYR A 265 5.82 7.75 6.81
C TYR A 265 7.06 6.95 7.24
N GLY A 266 6.94 6.12 8.27
CA GLY A 266 8.06 5.35 8.78
C GLY A 266 8.22 4.03 8.05
N GLY A 267 8.55 4.09 6.77
CA GLY A 267 8.59 2.90 5.94
C GLY A 267 7.18 2.34 5.78
N THR A 268 7.07 1.07 5.37
CA THR A 268 5.77 0.46 5.16
C THR A 268 5.22 -0.31 6.36
N HIS A 269 5.90 -0.23 7.51
CA HIS A 269 5.43 -0.91 8.73
C HIS A 269 4.00 -0.51 9.11
N ASP A 270 3.19 -1.48 9.56
CA ASP A 270 1.93 -1.19 10.25
C ASP A 270 2.30 -0.43 11.52
N SER A 271 1.40 0.36 12.09
CA SER A 271 1.64 0.91 13.45
C SER A 271 2.38 -0.13 14.34
N LYS A 272 3.40 0.27 15.08
N LYS A 272 3.40 0.27 15.08
CA LYS A 272 3.76 1.67 15.32
CA LYS A 272 3.78 1.66 15.33
C LYS A 272 4.61 2.35 14.24
C LYS A 272 4.59 2.34 14.22
N SER A 273 4.15 3.54 13.87
CA SER A 273 4.76 4.32 12.82
C SER A 273 4.00 5.62 12.90
N LYS A 274 4.26 6.49 11.92
CA LYS A 274 3.39 7.63 11.69
C LYS A 274 2.64 7.31 10.42
N ILE A 275 1.31 7.27 10.53
CA ILE A 275 0.46 7.06 9.36
C ILE A 275 -0.72 8.02 9.42
N ASN A 276 -0.99 8.69 8.30
CA ASN A 276 -2.19 9.49 8.08
C ASN A 276 -3.05 8.82 7.01
N ILE A 277 -4.33 9.14 6.98
CA ILE A 277 -5.22 8.69 5.92
C ILE A 277 -5.40 9.81 4.88
N ALA A 278 -5.01 9.53 3.65
CA ALA A 278 -5.11 10.51 2.56
C ALA A 278 -6.18 10.08 1.57
N THR A 279 -6.76 11.06 0.88
CA THR A 279 -7.72 10.75 -0.17
C THR A 279 -7.41 11.51 -1.46
N SER A 280 -7.91 10.96 -2.57
CA SER A 280 -7.81 11.60 -3.88
C SER A 280 -9.07 11.19 -4.65
N TYR A 281 -9.48 11.98 -5.64
CA TYR A 281 -10.66 11.63 -6.44
C TYR A 281 -10.44 11.89 -7.93
N SER A 282 -11.20 11.20 -8.76
CA SER A 282 -11.14 11.36 -10.21
C SER A 282 -12.53 11.74 -10.72
N ASP A 283 -12.59 12.76 -11.58
CA ASP A 283 -13.87 13.20 -12.12
C ASP A 283 -14.02 12.79 -13.59
N ASP A 284 -13.03 12.05 -14.09
CA ASP A 284 -13.05 11.64 -15.49
C ASP A 284 -12.84 10.13 -15.66
N ASN A 285 -13.54 9.34 -14.84
CA ASN A 285 -13.45 7.88 -14.90
C ASN A 285 -12.04 7.30 -14.64
N GLY A 286 -11.27 7.92 -13.76
CA GLY A 286 -9.97 7.38 -13.39
C GLY A 286 -8.79 7.83 -14.24
N LYS A 287 -9.05 8.72 -15.21
CA LYS A 287 -7.99 9.18 -16.08
C LYS A 287 -7.01 10.10 -15.36
N THR A 288 -7.54 11.01 -14.54
CA THR A 288 -6.68 11.87 -13.73
C THR A 288 -7.23 11.95 -12.32
N TRP A 289 -6.39 12.34 -11.39
CA TRP A 289 -6.69 12.27 -9.97
C TRP A 289 -6.19 13.53 -9.27
N SER A 290 -6.96 14.00 -8.31
CA SER A 290 -6.65 15.25 -7.61
C SER A 290 -5.44 15.07 -6.73
N GLU A 291 -4.79 16.20 -6.42
CA GLU A 291 -3.69 16.17 -5.47
C GLU A 291 -4.29 15.73 -4.14
N PRO A 292 -3.60 14.80 -3.45
CA PRO A 292 -4.22 14.25 -2.24
C PRO A 292 -4.40 15.27 -1.12
N ILE A 293 -5.38 15.03 -0.25
CA ILE A 293 -5.56 15.76 0.98
C ILE A 293 -5.66 14.71 2.09
N PHE A 294 -5.63 15.16 3.34
CA PHE A 294 -5.81 14.24 4.47
C PHE A 294 -7.27 14.14 4.91
N ALA A 295 -7.73 12.90 5.11
CA ALA A 295 -9.02 12.70 5.76
C ALA A 295 -8.83 12.58 7.28
N MET A 296 -7.70 12.01 7.69
CA MET A 296 -7.37 11.91 9.10
C MET A 296 -5.87 12.12 9.30
N LYS A 297 -5.49 13.06 10.16
CA LYS A 297 -4.07 13.35 10.37
C LYS A 297 -3.77 13.66 11.85
N PHE A 298 -2.58 13.29 12.30
CA PHE A 298 -2.10 13.79 13.59
C PHE A 298 -0.90 14.69 13.33
N ASN A 299 -0.57 15.56 14.29
CA ASN A 299 0.52 16.52 14.10
C ASN A 299 1.67 16.37 15.09
N ASP A 300 1.65 15.30 15.89
CA ASP A 300 2.67 15.14 16.93
C ASP A 300 4.05 14.93 16.31
N TYR A 301 4.06 14.32 15.13
CA TYR A 301 5.30 14.11 14.40
C TYR A 301 5.13 14.79 13.04
N GLU A 302 6.20 15.40 12.56
CA GLU A 302 6.23 16.05 11.26
C GLU A 302 5.93 15.06 10.15
N GLU A 303 5.23 15.51 9.12
CA GLU A 303 5.09 14.72 7.90
C GLU A 303 6.40 14.79 7.10
N GLN A 304 7.24 13.76 7.20
CA GLN A 304 8.53 13.78 6.52
C GLN A 304 8.64 12.72 5.44
N LEU A 305 9.15 13.12 4.28
CA LEU A 305 9.47 12.18 3.23
C LEU A 305 10.84 11.57 3.58
N VAL A 306 10.86 10.31 3.99
CA VAL A 306 12.10 9.70 4.44
C VAL A 306 12.44 8.44 3.65
N TYR A 307 13.72 8.27 3.33
CA TYR A 307 14.21 7.04 2.73
C TYR A 307 14.53 6.03 3.84
N TRP A 308 13.61 5.11 4.07
CA TRP A 308 13.73 4.12 5.13
C TRP A 308 14.76 3.05 4.75
N PRO A 309 15.76 2.81 5.60
CA PRO A 309 16.81 1.82 5.29
C PRO A 309 16.20 0.45 5.01
N ARG A 310 16.79 -0.28 4.07
CA ARG A 310 16.30 -1.60 3.69
C ARG A 310 17.29 -2.71 4.03
N ASP A 311 18.40 -2.34 4.67
CA ASP A 311 19.38 -3.33 5.05
C ASP A 311 18.86 -4.10 6.26
N ASN A 312 19.32 -5.33 6.42
CA ASN A 312 18.84 -6.19 7.50
C ASN A 312 19.02 -5.66 8.92
N LYS A 313 20.01 -4.81 9.13
CA LYS A 313 20.29 -4.31 10.46
C LYS A 313 19.30 -3.21 10.87
N LEU A 314 18.88 -2.40 9.90
CA LEU A 314 18.04 -1.22 10.18
C LEU A 314 16.60 -1.26 9.66
N LYS A 315 16.24 -2.22 8.82
CA LYS A 315 14.93 -2.16 8.19
C LYS A 315 13.76 -2.25 9.15
N ASN A 316 13.97 -2.82 10.33
CA ASN A 316 12.94 -2.85 11.36
C ASN A 316 12.91 -1.63 12.29
N SER A 317 13.67 -0.59 11.96
CA SER A 317 13.52 0.66 12.68
C SER A 317 12.08 1.15 12.51
N GLN A 318 11.50 1.72 13.57
CA GLN A 318 10.11 2.15 13.56
C GLN A 318 9.96 3.44 14.30
N ILE A 319 9.20 4.36 13.72
CA ILE A 319 8.77 5.54 14.43
C ILE A 319 7.92 5.06 15.60
N SER A 320 8.41 5.31 16.82
CA SER A 320 7.91 4.61 18.00
C SER A 320 7.08 5.45 18.96
N GLY A 321 7.11 6.76 18.80
CA GLY A 321 6.38 7.64 19.70
C GLY A 321 5.28 8.46 19.02
N SER A 322 4.86 8.02 17.83
CA SER A 322 3.85 8.76 17.07
C SER A 322 2.45 8.14 17.15
N ALA A 323 1.43 8.98 17.23
CA ALA A 323 0.08 8.49 17.05
C ALA A 323 -0.11 8.21 15.57
N SER A 324 -1.10 7.40 15.24
CA SER A 324 -1.37 7.14 13.83
C SER A 324 -2.73 6.53 13.57
N PHE A 325 -3.10 6.56 12.31
CA PHE A 325 -4.29 5.87 11.82
C PHE A 325 -3.81 4.64 11.04
N ILE A 326 -4.71 3.73 10.70
CA ILE A 326 -4.36 2.58 9.87
C ILE A 326 -5.66 1.94 9.38
N ASP A 327 -5.68 1.46 8.13
CA ASP A 327 -6.85 0.75 7.56
C ASP A 327 -8.10 1.64 7.41
N SER A 328 -8.31 2.23 6.24
CA SER A 328 -9.51 3.04 6.01
C SER A 328 -10.58 2.31 5.20
N SER A 329 -11.82 2.77 5.34
CA SER A 329 -12.94 2.23 4.59
C SER A 329 -13.91 3.36 4.22
N ILE A 330 -14.51 3.29 3.03
CA ILE A 330 -15.36 4.36 2.52
C ILE A 330 -16.77 3.86 2.21
N VAL A 331 -17.77 4.69 2.46
CA VAL A 331 -19.13 4.43 1.96
C VAL A 331 -19.82 5.76 1.65
N GLU A 332 -20.85 5.71 0.81
CA GLU A 332 -21.62 6.92 0.53
C GLU A 332 -23.06 6.73 1.00
N ASP A 333 -23.60 7.74 1.67
CA ASP A 333 -24.97 7.69 2.20
C ASP A 333 -25.91 8.39 1.22
N LYS A 334 -26.82 7.62 0.64
CA LYS A 334 -27.81 8.14 -0.30
C LYS A 334 -28.64 9.28 0.26
N LYS A 335 -29.02 9.19 1.52
CA LYS A 335 -29.96 10.17 2.05
C LYS A 335 -29.37 11.57 2.27
N SER A 336 -28.30 11.67 3.05
CA SER A 336 -27.70 12.97 3.31
C SER A 336 -26.85 13.40 2.12
N GLY A 337 -26.39 12.42 1.35
CA GLY A 337 -25.44 12.69 0.28
C GLY A 337 -24.00 12.71 0.77
N LYS A 338 -23.81 12.60 2.08
CA LYS A 338 -22.47 12.63 2.67
C LYS A 338 -21.64 11.39 2.32
N THR A 339 -20.32 11.56 2.28
CA THR A 339 -19.38 10.44 2.19
C THR A 339 -18.86 10.17 3.59
N ILE A 340 -18.74 8.90 3.93
CA ILE A 340 -18.27 8.52 5.26
C ILE A 340 -17.00 7.67 5.16
N LEU A 341 -16.02 8.03 5.97
CA LEU A 341 -14.74 7.33 5.99
C LEU A 341 -14.42 6.97 7.43
N LEU A 342 -14.15 5.69 7.66
CA LEU A 342 -13.70 5.21 8.97
C LEU A 342 -12.26 4.76 8.83
N ALA A 343 -11.53 4.77 9.94
CA ALA A 343 -10.20 4.17 10.00
C ALA A 343 -9.88 3.75 11.44
N ASP A 344 -8.98 2.79 11.63
CA ASP A 344 -8.49 2.50 12.99
C ASP A 344 -7.67 3.69 13.46
N VAL A 345 -7.71 3.96 14.76
CA VAL A 345 -6.85 5.00 15.34
C VAL A 345 -5.98 4.39 16.42
N MET A 346 -4.74 4.81 16.47
CA MET A 346 -3.81 4.36 17.49
C MET A 346 -3.06 5.51 18.13
N PRO A 347 -3.10 5.59 19.46
CA PRO A 347 -2.33 6.57 20.22
C PRO A 347 -0.87 6.20 20.19
N ALA A 348 -0.01 7.13 20.59
CA ALA A 348 1.44 6.92 20.58
C ALA A 348 1.89 5.80 21.51
N GLY A 349 1.09 5.51 22.53
CA GLY A 349 1.48 4.57 23.57
C GLY A 349 1.12 3.13 23.29
N ILE A 350 0.43 2.93 22.17
CA ILE A 350 0.04 1.61 21.70
C ILE A 350 1.21 0.60 21.73
N GLY A 351 0.90 -0.68 21.92
CA GLY A 351 1.92 -1.72 21.99
C GLY A 351 1.39 -3.06 21.52
N ASN A 352 2.20 -3.79 20.75
CA ASN A 352 1.72 -4.95 20.00
C ASN A 352 1.07 -6.09 20.80
N ASN A 353 1.43 -6.25 22.07
CA ASN A 353 0.88 -7.35 22.87
C ASN A 353 0.08 -6.94 24.12
N ASN A 354 0.71 -6.21 25.02
CA ASN A 354 0.07 -5.82 26.27
C ASN A 354 -0.56 -4.42 26.20
N ALA A 355 -1.03 -4.05 25.01
CA ALA A 355 -1.65 -2.74 24.82
C ALA A 355 -2.61 -2.71 23.61
N ASN A 356 -3.91 -2.79 23.87
CA ASN A 356 -4.46 -3.12 25.19
C ASN A 356 -5.74 -3.91 24.98
N LYS A 357 -5.60 -5.21 24.78
CA LYS A 357 -6.75 -6.10 24.78
C LYS A 357 -7.32 -6.09 26.21
N ALA A 358 -8.58 -6.48 26.36
CA ALA A 358 -9.27 -6.50 27.65
C ALA A 358 -9.54 -5.11 28.24
N ASP A 359 -9.42 -4.09 27.39
CA ASP A 359 -9.86 -2.74 27.74
C ASP A 359 -10.26 -1.98 26.48
N SER A 360 -11.47 -1.43 26.50
CA SER A 360 -11.99 -0.66 25.37
C SER A 360 -11.46 0.77 25.35
N GLY A 361 -10.98 1.24 26.49
CA GLY A 361 -10.59 2.63 26.64
C GLY A 361 -11.75 3.52 27.01
N PHE A 362 -12.91 2.91 27.23
CA PHE A 362 -14.08 3.66 27.68
C PHE A 362 -14.54 3.17 29.05
N LYS A 363 -15.20 4.05 29.78
CA LYS A 363 -15.86 3.66 31.02
C LYS A 363 -17.37 3.72 30.85
N GLU A 364 -18.06 2.66 31.27
CA GLU A 364 -19.52 2.67 31.25
C GLU A 364 -20.05 3.34 32.50
N ILE A 365 -20.85 4.38 32.32
CA ILE A 365 -21.47 5.09 33.44
C ILE A 365 -22.93 5.42 33.15
N ASN A 366 -23.83 4.62 33.72
CA ASN A 366 -25.27 4.79 33.54
C ASN A 366 -25.75 4.59 32.11
N GLY A 367 -25.32 3.49 31.50
CA GLY A 367 -25.76 3.13 30.17
C GLY A 367 -24.98 3.81 29.06
N HIS A 368 -24.15 4.78 29.43
CA HIS A 368 -23.35 5.50 28.44
C HIS A 368 -21.85 5.24 28.59
N TYR A 369 -21.13 5.47 27.49
CA TYR A 369 -19.69 5.23 27.44
C TYR A 369 -18.90 6.52 27.40
N TYR A 370 -17.89 6.61 28.25
CA TYR A 370 -17.03 7.79 28.32
C TYR A 370 -15.55 7.44 28.12
N LEU A 371 -14.88 8.22 27.28
CA LEU A 371 -13.47 8.01 26.98
C LEU A 371 -12.63 8.22 28.22
N LYS A 372 -11.86 7.20 28.60
CA LYS A 372 -11.00 7.29 29.78
C LYS A 372 -9.76 8.11 29.47
N LEU A 373 -9.17 8.72 30.50
CA LEU A 373 -7.96 9.52 30.36
C LEU A 373 -7.04 9.36 31.57
N LYS A 374 -5.73 9.29 31.31
CA LYS A 374 -4.75 9.24 32.36
C LYS A 374 -3.92 10.53 32.37
N LYS A 375 -3.81 11.15 33.54
CA LYS A 375 -3.01 12.36 33.68
C LYS A 375 -1.54 12.06 33.96
N ASN A 376 -0.67 12.86 33.36
CA ASN A 376 0.76 12.87 33.62
C ASN A 376 1.02 12.73 35.13
N GLY A 377 1.56 11.57 35.52
CA GLY A 377 1.88 11.36 36.92
C GLY A 377 1.11 10.24 37.59
N ASP A 378 -0.16 10.05 37.21
CA ASP A 378 -0.98 9.01 37.82
C ASP A 378 -0.55 7.64 37.31
N ASN A 379 -0.92 6.60 38.03
CA ASN A 379 -0.58 5.24 37.61
C ASN A 379 -1.81 4.47 37.13
N ASP A 380 -2.95 5.16 37.14
CA ASP A 380 -4.19 4.59 36.65
C ASP A 380 -4.98 5.67 35.90
N PHE A 381 -6.07 5.27 35.26
CA PHE A 381 -6.91 6.20 34.53
C PHE A 381 -7.99 6.76 35.44
N ARG A 382 -7.72 7.92 36.03
CA ARG A 382 -8.60 8.51 37.03
C ARG A 382 -9.48 9.60 36.42
N TYR A 383 -9.57 9.64 35.09
CA TYR A 383 -10.36 10.67 34.42
C TYR A 383 -11.25 10.09 33.32
N THR A 384 -12.28 10.86 32.96
CA THR A 384 -13.12 10.52 31.83
C THR A 384 -13.45 11.81 31.08
N VAL A 385 -13.79 11.66 29.80
CA VAL A 385 -14.29 12.79 29.03
C VAL A 385 -15.81 12.68 28.99
N ARG A 386 -16.47 13.36 29.93
CA ARG A 386 -17.93 13.36 29.98
C ARG A 386 -18.51 14.35 29.00
N GLU A 387 -19.80 14.62 29.12
CA GLU A 387 -20.54 15.43 28.16
C GLU A 387 -19.96 16.84 27.95
N ASN A 388 -19.93 17.28 26.70
CA ASN A 388 -19.22 18.50 26.28
C ASN A 388 -17.74 18.50 26.63
N GLY A 389 -17.12 17.32 26.54
CA GLY A 389 -15.68 17.20 26.63
C GLY A 389 -15.08 17.64 27.95
N VAL A 390 -15.90 17.68 29.00
CA VAL A 390 -15.41 18.07 30.30
C VAL A 390 -14.65 16.92 30.95
N VAL A 391 -13.41 17.19 31.35
CA VAL A 391 -12.60 16.16 31.97
C VAL A 391 -12.97 16.04 33.45
N TYR A 392 -13.42 14.85 33.83
CA TYR A 392 -13.89 14.59 35.18
C TYR A 392 -12.91 13.73 35.94
N ASN A 393 -12.78 14.00 37.24
CA ASN A 393 -11.94 13.19 38.10
C ASN A 393 -12.76 12.08 38.76
N GLU A 394 -12.55 10.84 38.32
CA GLU A 394 -13.38 9.73 38.76
C GLU A 394 -13.27 9.43 40.25
N THR A 395 -12.15 9.81 40.86
CA THR A 395 -11.94 9.57 42.29
C THR A 395 -12.84 10.48 43.13
N THR A 396 -13.14 11.65 42.59
CA THR A 396 -13.89 12.66 43.32
C THR A 396 -15.18 13.04 42.58
N ASN A 397 -15.37 12.46 41.40
CA ASN A 397 -16.52 12.78 40.53
C ASN A 397 -16.70 14.26 40.22
N LYS A 398 -15.72 15.07 40.61
CA LYS A 398 -15.73 16.50 40.33
C LYS A 398 -15.16 16.76 38.94
N PRO A 399 -15.70 17.77 38.25
CA PRO A 399 -15.14 18.17 36.97
C PRO A 399 -13.82 18.91 37.17
N THR A 400 -13.06 19.07 36.09
CA THR A 400 -11.80 19.80 36.17
C THR A 400 -11.87 21.03 35.32
N ASN A 401 -10.77 21.78 35.31
CA ASN A 401 -10.68 22.98 34.50
C ASN A 401 -10.22 22.65 33.07
N TYR A 402 -10.13 21.35 32.77
CA TYR A 402 -9.70 20.91 31.44
C TYR A 402 -10.87 20.40 30.62
N THR A 403 -10.91 20.78 29.35
CA THR A 403 -11.88 20.23 28.42
C THR A 403 -11.20 19.69 27.15
N ILE A 404 -11.85 18.74 26.49
CA ILE A 404 -11.38 18.23 25.21
C ILE A 404 -12.23 18.81 24.09
N ASN A 405 -11.60 19.47 23.12
CA ASN A 405 -12.36 20.05 22.02
C ASN A 405 -12.75 19.00 20.97
N ASP A 406 -13.22 19.48 19.83
CA ASP A 406 -13.66 18.59 18.75
C ASP A 406 -12.51 17.78 18.16
N LYS A 407 -11.33 18.38 18.08
CA LYS A 407 -10.18 17.70 17.48
C LYS A 407 -9.41 16.77 18.43
N TYR A 408 -10.01 16.47 19.58
CA TYR A 408 -9.37 15.68 20.64
C TYR A 408 -8.17 16.39 21.24
N GLU A 409 -8.21 17.71 21.20
CA GLU A 409 -7.16 18.55 21.77
C GLU A 409 -7.50 19.03 23.18
N VAL A 410 -6.47 19.20 23.99
CA VAL A 410 -6.63 19.57 25.39
C VAL A 410 -6.68 21.09 25.55
N LEU A 411 -7.66 21.55 26.32
CA LEU A 411 -7.83 22.97 26.63
C LEU A 411 -7.83 23.10 28.15
N GLU A 412 -7.14 24.12 28.66
CA GLU A 412 -7.23 24.43 30.08
C GLU A 412 -7.89 25.79 30.25
N GLY A 413 -9.03 25.80 30.95
CA GLY A 413 -9.82 27.00 31.09
C GLY A 413 -10.13 27.68 29.76
N GLY A 414 -10.35 26.88 28.72
CA GLY A 414 -10.66 27.40 27.39
C GLY A 414 -9.46 27.76 26.53
N LYS A 415 -8.26 27.53 27.05
CA LYS A 415 -7.03 27.86 26.32
C LYS A 415 -6.31 26.62 25.76
N SER A 416 -5.90 26.72 24.50
CA SER A 416 -5.26 25.62 23.77
C SER A 416 -3.85 25.31 24.25
N LEU A 417 -3.70 24.21 24.97
CA LEU A 417 -2.37 23.71 25.34
C LEU A 417 -1.67 23.16 24.09
N THR A 418 -0.34 23.18 24.10
CA THR A 418 0.46 22.71 22.97
C THR A 418 1.55 21.74 23.41
N VAL A 419 2.11 21.03 22.45
CA VAL A 419 3.30 20.22 22.67
C VAL A 419 4.26 20.47 21.52
N GLU A 420 5.53 20.14 21.73
CA GLU A 420 6.53 20.33 20.71
C GLU A 420 6.51 19.13 19.77
N GLN A 421 6.53 19.40 18.47
CA GLN A 421 6.53 18.35 17.46
C GLN A 421 7.83 17.55 17.45
N TYR A 422 7.76 16.30 16.97
CA TYR A 422 8.96 15.50 16.75
C TYR A 422 9.26 15.39 15.26
N SER A 423 10.55 15.27 14.93
CA SER A 423 11.01 14.88 13.60
C SER A 423 11.91 13.66 13.75
N VAL A 424 12.04 12.87 12.68
CA VAL A 424 12.92 11.70 12.73
C VAL A 424 14.06 11.82 11.73
N ASP A 425 15.18 11.15 12.02
CA ASP A 425 16.33 11.11 11.11
C ASP A 425 17.20 9.89 11.43
N PHE A 426 17.97 9.48 10.43
CA PHE A 426 18.97 8.43 10.62
C PHE A 426 20.39 9.03 10.52
N ASP A 427 20.54 10.29 10.91
CA ASP A 427 21.83 10.97 10.79
C ASP A 427 22.93 10.29 11.58
N SER A 428 22.60 9.77 12.75
CA SER A 428 23.59 9.16 13.63
C SER A 428 23.84 7.69 13.30
N GLY A 429 23.32 7.22 12.19
CA GLY A 429 23.46 5.80 11.84
C GLY A 429 22.40 4.91 12.48
N SER A 430 21.45 5.53 13.18
CA SER A 430 20.30 4.81 13.71
C SER A 430 19.15 5.79 13.82
N LEU A 431 17.94 5.28 13.99
CA LEU A 431 16.76 6.16 14.04
C LEU A 431 16.74 6.96 15.33
N ARG A 432 16.53 8.27 15.19
CA ARG A 432 16.31 9.14 16.34
C ARG A 432 15.02 9.92 16.15
N GLU A 433 14.30 10.16 17.25
CA GLU A 433 13.09 10.94 17.21
C GLU A 433 13.26 12.10 18.17
N ARG A 434 13.35 13.32 17.66
CA ARG A 434 13.63 14.44 18.54
C ARG A 434 12.78 15.66 18.27
N HIS A 435 12.54 16.42 19.34
CA HIS A 435 11.83 17.68 19.26
C HIS A 435 12.41 18.60 18.21
N ASN A 436 11.54 19.29 17.48
CA ASN A 436 12.01 20.05 16.33
C ASN A 436 11.81 21.56 16.43
N GLY A 437 11.38 22.02 17.60
CA GLY A 437 11.18 23.45 17.85
C GLY A 437 9.78 23.97 17.59
N LYS A 438 8.99 23.18 16.86
CA LYS A 438 7.65 23.61 16.46
C LYS A 438 6.57 23.15 17.45
N GLN A 439 5.69 24.07 17.85
CA GLN A 439 4.59 23.72 18.75
C GLN A 439 3.33 23.38 17.96
N VAL A 440 2.58 22.39 18.44
CA VAL A 440 1.33 21.98 17.81
C VAL A 440 0.31 21.71 18.91
N PRO A 441 -1.00 21.80 18.59
CA PRO A 441 -2.01 21.62 19.64
C PRO A 441 -1.87 20.28 20.34
N MET A 442 -2.06 20.28 21.67
CA MET A 442 -1.91 19.07 22.47
C MET A 442 -3.12 18.13 22.32
N ASN A 443 -2.87 16.93 21.79
CA ASN A 443 -3.91 15.95 21.51
C ASN A 443 -3.78 14.76 22.47
N VAL A 444 -4.91 14.25 22.95
CA VAL A 444 -4.91 13.15 23.91
C VAL A 444 -4.35 11.84 23.34
N PHE A 445 -4.10 11.80 22.04
CA PHE A 445 -3.46 10.63 21.43
C PHE A 445 -1.92 10.71 21.43
N TYR A 446 -1.37 11.82 21.91
CA TYR A 446 0.07 12.07 21.77
C TYR A 446 0.91 11.59 22.95
N LYS A 447 2.18 11.32 22.69
CA LYS A 447 3.11 10.92 23.74
C LYS A 447 3.29 12.01 24.78
N ASP A 448 3.43 13.26 24.32
CA ASP A 448 3.74 14.39 25.21
C ASP A 448 2.51 15.02 25.87
N SER A 449 1.34 14.42 25.70
CA SER A 449 0.11 15.03 26.20
C SER A 449 -0.07 14.93 27.72
N LEU A 450 -0.62 15.98 28.31
CA LEU A 450 -0.98 16.00 29.74
C LEU A 450 -1.99 14.92 30.07
N PHE A 451 -2.97 14.72 29.17
CA PHE A 451 -3.94 13.64 29.30
C PHE A 451 -3.85 12.66 28.13
N LYS A 452 -3.78 11.37 28.45
CA LYS A 452 -3.65 10.35 27.42
C LYS A 452 -4.79 9.35 27.46
N VAL A 453 -5.20 8.90 26.28
CA VAL A 453 -6.17 7.82 26.18
C VAL A 453 -5.51 6.50 26.53
N THR A 454 -6.33 5.46 26.66
CA THR A 454 -5.85 4.11 26.88
C THR A 454 -5.03 3.62 25.69
N PRO A 455 -3.87 2.98 25.95
CA PRO A 455 -3.07 2.52 24.81
C PRO A 455 -3.72 1.32 24.14
N THR A 456 -4.73 1.59 23.32
CA THR A 456 -5.44 0.55 22.62
C THR A 456 -5.90 1.05 21.25
N ASN A 457 -6.50 0.17 20.45
CA ASN A 457 -6.98 0.55 19.13
C ASN A 457 -8.44 0.99 19.18
N TYR A 458 -8.75 2.07 18.48
CA TYR A 458 -10.09 2.64 18.41
C TYR A 458 -10.54 2.66 16.96
N ILE A 459 -11.81 2.97 16.72
CA ILE A 459 -12.26 3.26 15.37
C ILE A 459 -12.74 4.72 15.32
N ALA A 460 -12.34 5.44 14.28
CA ALA A 460 -12.78 6.84 14.09
C ALA A 460 -13.58 6.94 12.81
N MET A 461 -14.40 7.97 12.75
CA MET A 461 -15.25 8.26 11.61
C MET A 461 -15.10 9.73 11.24
N THR A 462 -14.98 10.05 9.95
CA THR A 462 -15.10 11.43 9.48
C THR A 462 -16.13 11.46 8.35
N THR A 463 -16.59 12.65 7.99
CA THR A 463 -17.49 12.77 6.84
C THR A 463 -17.05 13.91 5.96
N SER A 464 -17.46 13.85 4.69
CA SER A 464 -17.28 14.93 3.74
C SER A 464 -18.64 15.32 3.15
N GLN A 465 -18.91 16.62 3.06
CA GLN A 465 -20.17 17.09 2.46
C GLN A 465 -19.95 17.58 1.03
N ASN A 466 -18.71 17.45 0.55
CA ASN A 466 -18.34 17.93 -0.78
C ASN A 466 -17.61 16.84 -1.57
N ARG A 467 -17.94 15.59 -1.27
CA ARG A 467 -17.43 14.43 -2.00
C ARG A 467 -15.92 14.35 -2.02
N GLY A 468 -15.31 14.61 -0.87
CA GLY A 468 -13.88 14.44 -0.73
C GLY A 468 -13.03 15.66 -1.01
N GLU A 469 -13.65 16.84 -1.10
CA GLU A 469 -12.86 18.07 -1.23
C GLU A 469 -12.34 18.54 0.13
N SER A 470 -13.02 18.10 1.19
CA SER A 470 -12.58 18.37 2.54
C SER A 470 -13.26 17.37 3.47
N TRP A 471 -12.67 17.14 4.62
CA TRP A 471 -13.18 16.16 5.57
C TRP A 471 -13.31 16.83 6.94
N GLU A 472 -14.34 16.46 7.67
CA GLU A 472 -14.52 16.94 9.03
C GLU A 472 -13.48 16.38 9.99
N GLN A 473 -13.45 16.95 11.19
CA GLN A 473 -12.68 16.39 12.27
C GLN A 473 -13.31 15.05 12.68
N PHE A 474 -12.49 14.05 12.93
CA PHE A 474 -13.02 12.72 13.20
C PHE A 474 -13.64 12.61 14.59
N LYS A 475 -14.51 11.62 14.74
CA LYS A 475 -15.12 11.31 16.01
C LYS A 475 -14.89 9.83 16.26
N LEU A 476 -14.57 9.46 17.50
CA LEU A 476 -14.45 8.05 17.88
C LEU A 476 -15.82 7.37 17.94
N LEU A 477 -15.91 6.18 17.35
CA LEU A 477 -17.06 5.32 17.55
C LEU A 477 -17.02 4.74 18.97
N PRO A 478 -18.19 4.44 19.55
CA PRO A 478 -18.27 3.86 20.89
C PRO A 478 -17.87 2.38 20.91
N PRO A 479 -17.61 1.83 22.11
CA PRO A 479 -17.33 0.39 22.15
C PRO A 479 -18.58 -0.39 21.77
N PHE A 480 -18.42 -1.55 21.11
CA PHE A 480 -19.58 -2.35 20.70
C PHE A 480 -19.65 -3.69 21.42
N LEU A 481 -18.50 -4.18 21.88
CA LEU A 481 -18.44 -5.50 22.53
C LEU A 481 -18.22 -5.38 24.03
N GLY A 482 -18.46 -4.19 24.57
CA GLY A 482 -18.37 -4.00 26.00
C GLY A 482 -17.19 -3.17 26.50
N GLU A 483 -17.38 -2.64 27.70
CA GLU A 483 -16.38 -1.85 28.42
C GLU A 483 -15.02 -2.53 28.47
N LYS A 484 -15.02 -3.86 28.62
CA LYS A 484 -13.78 -4.59 28.85
C LYS A 484 -13.28 -5.39 27.65
N HIS A 485 -13.86 -5.16 26.48
CA HIS A 485 -13.33 -5.76 25.24
C HIS A 485 -12.55 -4.68 24.51
N ASN A 486 -11.38 -5.01 23.95
CA ASN A 486 -10.69 -4.02 23.14
C ASN A 486 -11.42 -3.89 21.82
N GLY A 487 -11.29 -2.74 21.16
CA GLY A 487 -12.09 -2.46 19.98
C GLY A 487 -11.83 -3.40 18.83
N THR A 488 -12.84 -3.54 17.96
CA THR A 488 -12.67 -4.36 16.76
C THR A 488 -11.79 -3.64 15.75
N TYR A 489 -11.42 -4.36 14.69
CA TYR A 489 -10.54 -3.81 13.67
C TYR A 489 -11.30 -3.60 12.36
N LEU A 490 -11.27 -2.37 11.86
CA LEU A 490 -11.98 -2.01 10.65
C LEU A 490 -11.50 -2.86 9.47
N CYS A 491 -12.44 -3.32 8.65
CA CYS A 491 -12.05 -3.99 7.42
C CYS A 491 -11.80 -2.96 6.34
N PRO A 492 -10.57 -2.88 5.85
CA PRO A 492 -10.29 -1.80 4.91
C PRO A 492 -10.91 -2.04 3.53
N GLY A 493 -11.24 -0.95 2.85
CA GLY A 493 -11.83 -1.05 1.52
C GLY A 493 -13.12 -0.26 1.44
N GLN A 494 -14.23 -0.96 1.25
CA GLN A 494 -15.52 -0.27 1.18
C GLN A 494 -16.47 -0.67 2.30
N GLY A 495 -17.32 0.28 2.68
CA GLY A 495 -18.51 -0.03 3.42
C GLY A 495 -19.58 -0.41 2.41
N LEU A 496 -20.75 -0.80 2.89
CA LEU A 496 -21.86 -1.18 2.02
C LEU A 496 -23.02 -0.23 2.22
N ALA A 497 -23.47 0.38 1.12
CA ALA A 497 -24.70 1.16 1.10
C ALA A 497 -25.75 0.30 0.42
N LEU A 498 -26.73 -0.17 1.19
CA LEU A 498 -27.77 -1.02 0.62
C LEU A 498 -28.60 -0.26 -0.40
N LYS A 499 -28.88 -0.90 -1.53
CA LYS A 499 -29.58 -0.27 -2.66
C LYS A 499 -31.00 0.19 -2.33
N SER A 500 -31.69 -0.58 -1.50
CA SER A 500 -33.14 -0.39 -1.33
C SER A 500 -33.53 0.37 -0.06
N SER A 501 -32.58 0.56 0.85
CA SER A 501 -32.87 1.32 2.06
C SER A 501 -31.78 2.37 2.31
N ASN A 502 -31.84 2.96 3.49
CA ASN A 502 -30.80 3.87 3.94
C ASN A 502 -29.69 3.18 4.73
N ARG A 503 -29.70 1.86 4.76
CA ARG A 503 -28.78 1.16 5.64
C ARG A 503 -27.32 1.24 5.20
N LEU A 504 -26.45 1.61 6.14
CA LEU A 504 -25.01 1.61 5.94
C LEU A 504 -24.35 0.53 6.80
N ILE A 505 -23.39 -0.20 6.21
CA ILE A 505 -22.71 -1.25 6.96
C ILE A 505 -21.18 -1.21 6.75
N PHE A 506 -20.44 -1.18 7.86
CA PHE A 506 -19.00 -1.34 7.82
C PHE A 506 -18.62 -2.63 8.54
N ALA A 507 -17.91 -3.50 7.84
CA ALA A 507 -17.43 -4.73 8.44
C ALA A 507 -16.21 -4.41 9.28
N THR A 508 -16.13 -5.04 10.46
CA THR A 508 -14.94 -5.05 11.29
C THR A 508 -14.70 -6.49 11.74
N TYR A 509 -13.52 -6.76 12.31
CA TYR A 509 -13.23 -8.08 12.85
C TYR A 509 -12.58 -8.03 14.22
N THR A 510 -12.73 -9.13 14.94
CA THR A 510 -12.03 -9.33 16.20
C THR A 510 -11.87 -10.84 16.33
N SER A 511 -11.37 -11.30 17.47
CA SER A 511 -11.17 -12.74 17.66
C SER A 511 -12.52 -13.46 17.70
N GLY A 512 -12.67 -14.48 16.87
CA GLY A 512 -13.86 -15.31 16.90
C GLY A 512 -15.08 -14.84 16.13
N GLU A 513 -15.02 -13.65 15.53
CA GLU A 513 -16.18 -13.15 14.77
C GLU A 513 -15.89 -11.96 13.86
N LEU A 514 -16.75 -11.78 12.86
CA LEU A 514 -16.86 -10.51 12.19
C LEU A 514 -17.85 -9.70 13.01
N THR A 515 -17.64 -8.39 13.08
CA THR A 515 -18.56 -7.52 13.78
C THR A 515 -18.99 -6.40 12.84
N TYR A 516 -20.20 -6.53 12.30
CA TYR A 516 -20.68 -5.55 11.35
C TYR A 516 -21.24 -4.36 12.10
N LEU A 517 -20.87 -3.16 11.64
CA LEU A 517 -21.41 -1.94 12.22
C LEU A 517 -22.50 -1.39 11.31
N ILE A 518 -23.68 -1.21 11.89
CA ILE A 518 -24.88 -0.94 11.11
C ILE A 518 -25.47 0.39 11.51
N SER A 519 -25.67 1.28 10.52
CA SER A 519 -26.34 2.56 10.74
C SER A 519 -27.49 2.71 9.77
N ASP A 520 -28.61 3.22 10.27
CA ASP A 520 -29.77 3.53 9.44
C ASP A 520 -30.04 5.03 9.44
N ASP A 521 -29.15 5.80 10.07
CA ASP A 521 -29.35 7.24 10.19
C ASP A 521 -28.13 8.04 9.77
N SER A 522 -27.60 7.74 8.58
CA SER A 522 -26.47 8.47 8.00
C SER A 522 -25.25 8.45 8.91
N GLY A 523 -25.05 7.36 9.65
CA GLY A 523 -23.88 7.22 10.50
C GLY A 523 -23.86 8.03 11.77
N GLN A 524 -24.99 8.64 12.13
CA GLN A 524 -25.10 9.31 13.42
C GLN A 524 -25.07 8.30 14.58
N THR A 525 -25.78 7.19 14.40
CA THR A 525 -25.76 6.12 15.39
C THR A 525 -25.43 4.79 14.75
N TRP A 526 -24.73 3.95 15.49
CA TRP A 526 -24.32 2.64 15.00
C TRP A 526 -24.75 1.54 15.97
N LYS A 527 -25.05 0.37 15.43
CA LYS A 527 -25.29 -0.81 16.24
C LYS A 527 -24.48 -1.95 15.64
N LYS A 528 -24.19 -2.97 16.43
CA LYS A 528 -23.40 -4.08 15.91
C LYS A 528 -24.23 -5.31 15.56
N SER A 529 -23.71 -6.10 14.65
CA SER A 529 -24.29 -7.41 14.36
C SER A 529 -23.14 -8.40 14.29
N SER A 530 -23.01 -9.22 15.33
CA SER A 530 -21.95 -10.21 15.44
C SER A 530 -22.22 -11.47 14.62
N ALA A 531 -21.18 -11.93 13.93
CA ALA A 531 -21.28 -13.12 13.12
C ALA A 531 -20.06 -14.00 13.40
N SER A 532 -20.30 -15.10 14.10
CA SER A 532 -19.22 -15.95 14.56
C SER A 532 -18.52 -16.63 13.39
N ILE A 533 -17.19 -16.77 13.50
CA ILE A 533 -16.41 -17.47 12.49
C ILE A 533 -15.52 -18.48 13.20
N PRO A 534 -15.15 -19.57 12.50
CA PRO A 534 -14.37 -20.63 13.17
C PRO A 534 -12.87 -20.32 13.27
N PHE A 535 -12.51 -19.16 13.79
CA PHE A 535 -11.12 -18.75 13.88
C PHE A 535 -10.86 -17.94 15.14
N LYS A 536 -9.74 -18.21 15.79
CA LYS A 536 -9.25 -17.35 16.85
C LYS A 536 -8.09 -16.53 16.29
N ASN A 537 -8.06 -15.26 16.65
CA ASN A 537 -7.04 -14.32 16.16
C ASN A 537 -6.70 -14.43 14.67
N ALA A 538 -7.73 -14.39 13.84
CA ALA A 538 -7.51 -14.26 12.41
C ALA A 538 -7.58 -12.78 12.06
N THR A 539 -6.79 -12.37 11.09
CA THR A 539 -6.95 -11.07 10.49
C THR A 539 -8.03 -11.26 9.44
N ALA A 540 -9.29 -11.20 9.87
CA ALA A 540 -10.40 -11.58 9.02
C ALA A 540 -10.98 -10.38 8.27
N GLU A 541 -10.12 -9.75 7.46
CA GLU A 541 -10.55 -8.65 6.60
C GLU A 541 -11.65 -9.11 5.65
N ALA A 542 -12.79 -8.44 5.75
CA ALA A 542 -14.01 -8.85 5.06
C ALA A 542 -14.56 -7.72 4.22
N GLN A 543 -15.01 -8.05 3.01
CA GLN A 543 -15.71 -7.09 2.14
C GLN A 543 -17.02 -7.68 1.64
N MET A 544 -18.02 -6.82 1.45
CA MET A 544 -19.37 -7.27 1.16
C MET A 544 -19.84 -6.89 -0.23
N VAL A 545 -20.71 -7.75 -0.79
CA VAL A 545 -21.48 -7.41 -1.99
C VAL A 545 -22.96 -7.69 -1.74
N GLU A 546 -23.82 -6.84 -2.28
CA GLU A 546 -25.25 -7.12 -2.26
C GLU A 546 -25.63 -7.91 -3.52
N LEU A 547 -25.92 -9.19 -3.35
CA LEU A 547 -26.31 -10.05 -4.48
C LEU A 547 -27.68 -9.65 -5.07
N ARG A 548 -28.60 -9.30 -4.19
CA ARG A 548 -29.90 -8.77 -4.57
C ARG A 548 -30.43 -8.06 -3.34
N ASP A 549 -31.58 -7.39 -3.46
CA ASP A 549 -32.10 -6.56 -2.38
C ASP A 549 -32.14 -7.27 -1.03
N GLY A 550 -31.36 -6.76 -0.08
CA GLY A 550 -31.31 -7.30 1.27
C GLY A 550 -30.47 -8.54 1.47
N VAL A 551 -29.85 -9.02 0.39
CA VAL A 551 -29.03 -10.23 0.45
C VAL A 551 -27.55 -9.87 0.32
N ILE A 552 -26.82 -9.94 1.44
CA ILE A 552 -25.41 -9.57 1.45
C ILE A 552 -24.50 -10.79 1.52
N ARG A 553 -23.53 -10.89 0.61
CA ARG A 553 -22.45 -11.87 0.79
C ARG A 553 -21.14 -11.20 1.15
N THR A 554 -20.51 -11.73 2.18
CA THR A 554 -19.25 -11.20 2.68
C THR A 554 -18.13 -12.17 2.41
N PHE A 555 -17.13 -11.74 1.66
CA PHE A 555 -15.92 -12.54 1.42
C PHE A 555 -14.83 -12.07 2.35
N PHE A 556 -14.14 -13.00 2.98
CA PHE A 556 -13.12 -12.62 3.95
C PHE A 556 -11.90 -13.52 4.03
N ARG A 557 -10.83 -12.89 4.55
CA ARG A 557 -9.52 -13.50 4.71
C ARG A 557 -9.52 -14.43 5.92
N THR A 558 -8.84 -15.56 5.81
CA THR A 558 -8.80 -16.53 6.92
C THR A 558 -7.36 -17.01 7.17
N THR A 559 -7.22 -18.08 7.95
CA THR A 559 -5.92 -18.69 8.17
C THR A 559 -5.84 -20.09 7.56
N THR A 560 -6.76 -20.42 6.64
CA THR A 560 -6.85 -21.78 6.09
C THR A 560 -6.28 -21.96 4.69
N GLY A 561 -5.83 -20.88 4.07
CA GLY A 561 -5.40 -20.94 2.68
C GLY A 561 -6.54 -20.77 1.68
N LYS A 562 -7.75 -20.60 2.20
CA LYS A 562 -8.92 -20.37 1.35
C LYS A 562 -9.68 -19.13 1.81
N ILE A 563 -10.21 -18.39 0.84
CA ILE A 563 -11.11 -17.29 1.11
C ILE A 563 -12.44 -17.87 1.61
N ALA A 564 -12.99 -17.27 2.66
CA ALA A 564 -14.27 -17.74 3.21
C ALA A 564 -15.39 -16.79 2.80
N TYR A 565 -16.61 -17.21 3.07
CA TYR A 565 -17.76 -16.32 2.93
C TYR A 565 -18.91 -16.69 3.84
N MET A 566 -19.72 -15.71 4.17
CA MET A 566 -21.00 -15.94 4.81
C MET A 566 -22.07 -15.09 4.09
N THR A 567 -23.35 -15.37 4.36
CA THR A 567 -24.46 -14.66 3.70
C THR A 567 -25.49 -14.14 4.71
N SER A 568 -26.01 -12.95 4.45
CA SER A 568 -27.14 -12.41 5.21
C SER A 568 -28.32 -12.16 4.26
N ARG A 569 -29.55 -12.45 4.71
CA ARG A 569 -30.73 -12.26 3.86
C ARG A 569 -31.70 -11.29 4.47
N ASP A 570 -31.28 -10.62 5.54
CA ASP A 570 -32.13 -9.64 6.20
C ASP A 570 -31.35 -8.34 6.36
N SER A 571 -30.63 -7.96 5.32
CA SER A 571 -29.88 -6.71 5.30
C SER A 571 -28.85 -6.57 6.42
N GLY A 572 -28.25 -7.70 6.84
CA GLY A 572 -27.21 -7.69 7.86
C GLY A 572 -27.62 -7.98 9.31
N GLU A 573 -28.89 -8.26 9.56
CA GLU A 573 -29.31 -8.55 10.95
C GLU A 573 -28.70 -9.87 11.38
N THR A 574 -28.81 -10.88 10.53
CA THR A 574 -28.33 -12.20 10.90
C THR A 574 -27.45 -12.76 9.80
N TRP A 575 -26.56 -13.69 10.17
CA TRP A 575 -25.56 -14.20 9.25
C TRP A 575 -25.49 -15.72 9.25
N SER A 576 -25.27 -16.29 8.07
CA SER A 576 -25.16 -17.72 7.90
C SER A 576 -23.85 -18.23 8.50
N LYS A 577 -23.70 -19.55 8.47
CA LYS A 577 -22.44 -20.19 8.79
C LYS A 577 -21.45 -19.91 7.67
N VAL A 578 -20.19 -20.26 7.90
CA VAL A 578 -19.12 -19.94 6.99
C VAL A 578 -18.84 -21.03 5.97
N SER A 579 -18.70 -20.64 4.71
CA SER A 579 -18.30 -21.57 3.66
C SER A 579 -16.98 -21.07 3.12
N TYR A 580 -16.37 -21.86 2.24
CA TYR A 580 -15.10 -21.46 1.65
C TYR A 580 -15.16 -21.59 0.15
N ILE A 581 -14.39 -20.74 -0.52
CA ILE A 581 -14.26 -20.77 -1.96
C ILE A 581 -13.16 -21.75 -2.40
N ASP A 582 -13.50 -22.61 -3.37
CA ASP A 582 -12.50 -23.45 -4.00
C ASP A 582 -12.07 -22.79 -5.31
N GLY A 583 -10.86 -23.08 -5.73
CA GLY A 583 -10.36 -22.56 -7.00
C GLY A 583 -9.46 -21.35 -6.85
N ILE A 584 -9.46 -20.74 -5.67
CA ILE A 584 -8.50 -19.68 -5.37
C ILE A 584 -7.66 -20.07 -4.16
N GLN A 585 -6.35 -19.87 -4.26
CA GLN A 585 -5.49 -20.13 -3.12
C GLN A 585 -4.90 -18.85 -2.53
N GLN A 586 -4.93 -18.74 -1.21
CA GLN A 586 -4.11 -17.76 -0.51
C GLN A 586 -3.08 -18.49 0.35
N THR A 587 -2.24 -17.71 1.02
CA THR A 587 -1.23 -18.26 1.91
C THR A 587 -1.88 -18.59 3.24
N SER A 588 -1.16 -19.29 4.10
CA SER A 588 -1.66 -19.59 5.44
C SER A 588 -2.09 -18.32 6.20
N TYR A 589 -1.37 -17.22 5.99
CA TYR A 589 -1.68 -15.97 6.71
C TYR A 589 -2.69 -15.11 5.97
N GLY A 590 -2.81 -15.35 4.66
CA GLY A 590 -3.85 -14.74 3.86
C GLY A 590 -3.61 -13.30 3.47
N THR A 591 -4.50 -12.78 2.62
CA THR A 591 -4.42 -11.41 2.14
C THR A 591 -5.84 -10.83 2.02
N GLN A 592 -5.95 -9.52 2.19
CA GLN A 592 -7.20 -8.81 1.95
C GLN A 592 -7.76 -9.17 0.58
N VAL A 593 -9.08 -9.30 0.53
CA VAL A 593 -9.79 -9.57 -0.72
C VAL A 593 -10.76 -8.42 -0.96
N SER A 594 -10.74 -7.84 -2.16
CA SER A 594 -11.73 -6.81 -2.49
C SER A 594 -12.81 -7.39 -3.41
N ALA A 595 -14.01 -6.85 -3.32
CA ALA A 595 -15.17 -7.45 -4.01
C ALA A 595 -16.22 -6.41 -4.39
N ILE A 596 -16.79 -6.55 -5.58
CA ILE A 596 -17.95 -5.74 -5.97
C ILE A 596 -19.01 -6.55 -6.71
N LYS A 597 -20.26 -6.07 -6.62
CA LYS A 597 -21.33 -6.56 -7.48
C LYS A 597 -21.30 -5.76 -8.78
N TYR A 598 -21.07 -6.43 -9.91
CA TYR A 598 -21.03 -5.71 -11.18
C TYR A 598 -22.45 -5.35 -11.62
N SER A 599 -22.65 -4.16 -12.19
CA SER A 599 -24.02 -3.69 -12.47
C SER A 599 -24.65 -4.41 -13.68
N GLN A 600 -23.81 -4.95 -14.55
CA GLN A 600 -24.30 -5.56 -15.78
C GLN A 600 -24.27 -7.08 -15.72
N LEU A 601 -25.22 -7.69 -16.43
CA LEU A 601 -25.25 -9.13 -16.61
C LEU A 601 -24.06 -9.62 -17.40
N ILE A 602 -23.56 -10.80 -17.02
CA ILE A 602 -22.50 -11.45 -17.79
C ILE A 602 -22.91 -12.89 -18.08
N ASP A 603 -22.87 -13.25 -19.36
CA ASP A 603 -23.40 -14.53 -19.83
C ASP A 603 -24.82 -14.73 -19.30
N GLY A 604 -25.57 -13.63 -19.18
CA GLY A 604 -26.96 -13.65 -18.76
C GLY A 604 -27.22 -13.74 -17.26
N LYS A 605 -26.17 -13.64 -16.45
CA LYS A 605 -26.32 -13.82 -15.00
C LYS A 605 -25.77 -12.65 -14.17
N GLU A 606 -26.27 -12.51 -12.94
CA GLU A 606 -25.72 -11.56 -11.99
C GLU A 606 -24.27 -11.92 -11.77
N ALA A 607 -23.41 -10.91 -11.69
CA ALA A 607 -21.98 -11.14 -11.59
C ALA A 607 -21.37 -10.40 -10.41
N VAL A 608 -20.36 -11.03 -9.83
CA VAL A 608 -19.58 -10.54 -8.72
C VAL A 608 -18.12 -10.65 -9.17
N ILE A 609 -17.31 -9.64 -8.84
CA ILE A 609 -15.90 -9.68 -9.18
C ILE A 609 -15.08 -9.58 -7.90
N LEU A 610 -14.18 -10.55 -7.73
CA LEU A 610 -13.26 -10.62 -6.58
C LEU A 610 -11.86 -10.26 -7.04
N SER A 611 -11.11 -9.55 -6.21
CA SER A 611 -9.71 -9.21 -6.48
C SER A 611 -8.85 -9.72 -5.34
N THR A 612 -7.88 -10.57 -5.68
CA THR A 612 -7.07 -11.24 -4.67
C THR A 612 -5.79 -11.78 -5.32
N PRO A 613 -4.72 -11.94 -4.51
CA PRO A 613 -3.64 -12.78 -5.01
C PRO A 613 -4.16 -14.21 -5.18
N ASN A 614 -3.66 -14.93 -6.16
CA ASN A 614 -3.98 -16.35 -6.27
C ASN A 614 -2.69 -17.16 -6.15
N SER A 615 -2.35 -17.53 -4.92
CA SER A 615 -1.08 -18.20 -4.65
C SER A 615 -1.06 -18.76 -3.24
N ARG A 616 -0.47 -19.93 -3.09
CA ARG A 616 -0.31 -20.53 -1.77
C ARG A 616 1.07 -20.24 -1.16
N SER A 617 1.94 -19.57 -1.93
CA SER A 617 3.30 -19.27 -1.50
C SER A 617 3.52 -17.86 -0.95
N GLY A 618 3.08 -16.85 -1.69
CA GLY A 618 3.26 -15.48 -1.27
C GLY A 618 2.18 -14.58 -1.82
N ARG A 619 2.38 -13.27 -1.70
CA ARG A 619 1.45 -12.29 -2.22
C ARG A 619 1.83 -11.92 -3.65
N LYS A 620 1.37 -12.74 -4.59
CA LYS A 620 1.74 -12.62 -5.99
C LYS A 620 0.68 -13.36 -6.80
N GLY A 621 0.75 -13.26 -8.11
CA GLY A 621 -0.24 -13.91 -8.96
C GLY A 621 -1.61 -13.26 -8.83
N GLY A 622 -1.64 -11.94 -8.97
CA GLY A 622 -2.88 -11.21 -8.82
C GLY A 622 -3.93 -11.62 -9.82
N GLN A 623 -5.17 -11.68 -9.35
CA GLN A 623 -6.27 -12.03 -10.23
C GLN A 623 -7.54 -11.24 -9.94
N LEU A 624 -8.30 -11.00 -11.01
CA LEU A 624 -9.70 -10.65 -10.88
C LEU A 624 -10.46 -11.91 -11.26
N VAL A 625 -11.34 -12.37 -10.38
CA VAL A 625 -12.13 -13.56 -10.64
C VAL A 625 -13.60 -13.21 -10.77
N VAL A 626 -14.18 -13.53 -11.93
CA VAL A 626 -15.58 -13.20 -12.18
C VAL A 626 -16.48 -14.41 -11.84
N GLY A 627 -17.38 -14.21 -10.89
CA GLY A 627 -18.33 -15.25 -10.53
C GLY A 627 -19.74 -14.93 -11.00
N LEU A 628 -20.45 -15.95 -11.47
CA LEU A 628 -21.85 -15.79 -11.88
C LEU A 628 -22.78 -16.40 -10.83
N VAL A 629 -23.84 -15.69 -10.48
CA VAL A 629 -24.73 -16.11 -9.42
C VAL A 629 -25.81 -17.07 -9.93
N ASN A 630 -26.02 -18.16 -9.20
CA ASN A 630 -27.11 -19.07 -9.54
C ASN A 630 -28.36 -18.67 -8.77
N LYS A 631 -29.33 -18.12 -9.49
CA LYS A 631 -30.54 -17.57 -8.88
C LYS A 631 -31.34 -18.58 -8.05
N GLU A 632 -31.08 -19.87 -8.26
CA GLU A 632 -31.81 -20.93 -7.55
C GLU A 632 -31.41 -21.01 -6.08
N ASP A 633 -30.13 -20.76 -5.80
CA ASP A 633 -29.60 -20.96 -4.46
C ASP A 633 -28.58 -19.90 -4.04
N ASP A 634 -28.37 -18.90 -4.89
CA ASP A 634 -27.37 -17.85 -4.67
C ASP A 634 -25.94 -18.40 -4.56
N SER A 635 -25.69 -19.55 -5.20
CA SER A 635 -24.36 -20.09 -5.26
C SER A 635 -23.63 -19.34 -6.36
N ILE A 636 -22.31 -19.31 -6.30
CA ILE A 636 -21.52 -18.56 -7.25
C ILE A 636 -20.57 -19.47 -8.02
N ASP A 637 -20.68 -19.44 -9.33
CA ASP A 637 -19.77 -20.20 -10.19
C ASP A 637 -18.65 -19.27 -10.66
N TRP A 638 -17.46 -19.48 -10.12
CA TRP A 638 -16.30 -18.67 -10.46
C TRP A 638 -15.78 -19.10 -11.82
N LYS A 639 -16.22 -18.38 -12.85
CA LYS A 639 -16.08 -18.82 -14.23
C LYS A 639 -14.86 -18.25 -14.95
N TYR A 640 -14.50 -17.00 -14.63
CA TYR A 640 -13.40 -16.32 -15.32
C TYR A 640 -12.30 -15.87 -14.36
N HIS A 641 -11.05 -16.23 -14.65
CA HIS A 641 -9.90 -15.73 -13.91
C HIS A 641 -9.02 -14.87 -14.82
N TYR A 642 -8.92 -13.59 -14.50
CA TYR A 642 -8.01 -12.69 -15.21
C TYR A 642 -6.73 -12.48 -14.41
N ASP A 643 -5.58 -12.81 -15.03
CA ASP A 643 -4.27 -12.57 -14.41
C ASP A 643 -3.89 -11.10 -14.54
N ILE A 644 -3.71 -10.41 -13.42
CA ILE A 644 -3.34 -9.00 -13.44
C ILE A 644 -1.96 -8.79 -14.07
N ASP A 645 -1.03 -9.65 -13.66
CA ASP A 645 0.32 -9.72 -14.22
C ASP A 645 0.79 -11.14 -13.98
N LEU A 646 2.10 -11.39 -14.15
CA LEU A 646 2.66 -12.74 -14.01
C LEU A 646 2.33 -13.39 -12.67
N PRO A 647 2.20 -14.72 -12.68
CA PRO A 647 1.95 -15.44 -11.42
C PRO A 647 3.02 -15.17 -10.37
N SER A 648 4.23 -14.87 -10.82
CA SER A 648 5.36 -14.69 -9.90
C SER A 648 5.54 -13.22 -9.49
N TYR A 649 4.75 -12.32 -10.08
CA TYR A 649 4.88 -10.89 -9.78
C TYR A 649 3.94 -10.48 -8.66
N GLY A 650 4.41 -9.56 -7.82
CA GLY A 650 3.72 -9.25 -6.58
C GLY A 650 2.33 -8.66 -6.74
N TYR A 651 1.46 -9.05 -5.81
CA TYR A 651 0.09 -8.55 -5.76
C TYR A 651 -0.42 -8.80 -4.36
N ALA A 652 -0.80 -7.75 -3.65
CA ALA A 652 -1.21 -7.90 -2.27
C ALA A 652 -2.60 -7.29 -1.99
N TYR A 653 -2.68 -6.32 -1.08
CA TYR A 653 -3.98 -5.70 -0.81
C TYR A 653 -4.51 -5.01 -2.07
N SER A 654 -5.83 -4.91 -2.19
CA SER A 654 -6.38 -4.33 -3.41
C SER A 654 -7.73 -3.64 -3.20
N ALA A 655 -8.08 -2.81 -4.17
CA ALA A 655 -9.33 -2.09 -4.19
C ALA A 655 -9.87 -2.18 -5.61
N ILE A 656 -11.15 -2.49 -5.77
CA ILE A 656 -11.79 -2.48 -7.08
C ILE A 656 -13.08 -1.70 -7.05
N THR A 657 -13.42 -1.06 -8.16
CA THR A 657 -14.69 -0.38 -8.24
C THR A 657 -15.20 -0.40 -9.66
N GLU A 658 -16.52 -0.48 -9.84
CA GLU A 658 -17.08 -0.28 -11.18
C GLU A 658 -17.12 1.22 -11.48
N LEU A 659 -16.39 1.62 -12.51
CA LEU A 659 -16.34 3.04 -12.88
C LEU A 659 -17.67 3.42 -13.53
N PRO A 660 -17.98 4.72 -13.59
CA PRO A 660 -19.28 5.11 -14.16
C PRO A 660 -19.49 4.67 -15.61
N ASN A 661 -18.42 4.36 -16.34
CA ASN A 661 -18.55 3.94 -17.73
C ASN A 661 -18.58 2.43 -17.85
N HIS A 662 -18.67 1.76 -16.69
CA HIS A 662 -18.71 0.29 -16.60
C HIS A 662 -17.34 -0.39 -16.81
N HIS A 663 -16.27 0.39 -16.93
CA HIS A 663 -14.94 -0.20 -16.82
C HIS A 663 -14.72 -0.57 -15.36
N ILE A 664 -13.64 -1.30 -15.09
CA ILE A 664 -13.27 -1.67 -13.73
C ILE A 664 -11.98 -0.96 -13.32
N GLY A 665 -12.02 -0.23 -12.20
CA GLY A 665 -10.83 0.39 -11.64
C GLY A 665 -10.20 -0.49 -10.58
N VAL A 666 -8.89 -0.66 -10.64
CA VAL A 666 -8.16 -1.46 -9.67
C VAL A 666 -6.96 -0.69 -9.13
N LEU A 667 -6.93 -0.48 -7.82
CA LEU A 667 -5.81 0.17 -7.14
C LEU A 667 -5.25 -0.84 -6.15
N PHE A 668 -3.98 -1.18 -6.28
CA PHE A 668 -3.47 -2.36 -5.59
C PHE A 668 -1.99 -2.26 -5.25
N GLU A 669 -1.59 -2.96 -4.19
CA GLU A 669 -0.18 -3.10 -3.84
C GLU A 669 0.51 -4.04 -4.85
N LYS A 670 1.31 -3.49 -5.76
CA LYS A 670 2.03 -4.35 -6.71
C LYS A 670 3.38 -4.81 -6.15
N TYR A 671 3.35 -5.56 -5.07
CA TYR A 671 4.55 -6.14 -4.48
C TYR A 671 4.11 -7.06 -3.37
N ASP A 672 5.05 -7.80 -2.80
CA ASP A 672 4.71 -8.67 -1.68
C ASP A 672 4.80 -7.90 -0.37
N SER A 673 3.64 -7.47 0.14
CA SER A 673 3.62 -6.62 1.32
C SER A 673 3.71 -7.41 2.63
N TRP A 674 3.89 -8.72 2.50
CA TRP A 674 4.19 -9.58 3.66
C TRP A 674 5.71 -9.79 3.76
N SER A 675 6.33 -10.02 2.61
CA SER A 675 7.75 -10.40 2.55
C SER A 675 8.68 -9.42 3.25
N ARG A 676 9.59 -9.98 4.06
CA ARG A 676 10.57 -9.16 4.76
C ARG A 676 11.65 -8.63 3.82
N ASN A 677 11.60 -9.04 2.55
CA ASN A 677 12.60 -8.58 1.59
C ASN A 677 12.09 -7.41 0.73
N GLU A 678 10.80 -7.10 0.83
CA GLU A 678 10.18 -6.09 -0.03
C GLU A 678 9.54 -4.96 0.79
N LEU A 679 10.08 -4.73 1.97
CA LEU A 679 9.67 -3.61 2.81
C LEU A 679 10.14 -2.29 2.20
N HIS A 680 9.40 -1.21 2.51
CA HIS A 680 9.89 0.13 2.26
C HIS A 680 10.23 0.37 0.78
N LEU A 681 9.31 0.01 -0.11
CA LEU A 681 9.46 0.31 -1.54
C LEU A 681 8.52 1.45 -1.89
N SER A 682 8.97 2.36 -2.75
CA SER A 682 8.14 3.50 -3.14
C SER A 682 7.39 3.28 -4.44
N ASN A 683 6.18 3.85 -4.53
CA ASN A 683 5.40 3.84 -5.77
C ASN A 683 5.09 2.43 -6.28
N VAL A 684 4.73 1.54 -5.36
CA VAL A 684 4.27 0.21 -5.74
C VAL A 684 2.74 0.05 -5.67
N VAL A 685 2.06 1.01 -5.05
CA VAL A 685 0.60 1.01 -5.11
C VAL A 685 0.16 1.69 -6.41
N GLN A 686 -0.40 0.91 -7.34
CA GLN A 686 -0.68 1.40 -8.68
C GLN A 686 -2.13 1.18 -9.14
N TYR A 687 -2.57 2.00 -10.09
CA TYR A 687 -3.93 1.96 -10.58
C TYR A 687 -3.98 1.52 -12.03
N ILE A 688 -4.91 0.63 -12.35
CA ILE A 688 -5.14 0.24 -13.74
C ILE A 688 -6.62 0.29 -14.12
N ASP A 689 -6.87 0.39 -15.43
CA ASP A 689 -8.21 0.44 -15.97
C ASP A 689 -8.43 -0.81 -16.80
N LEU A 690 -9.56 -1.48 -16.57
CA LEU A 690 -9.86 -2.69 -17.30
C LEU A 690 -11.31 -2.65 -17.78
N GLU A 691 -11.59 -3.37 -18.86
CA GLU A 691 -12.95 -3.55 -19.33
C GLU A 691 -13.32 -4.99 -19.13
N ILE A 692 -14.61 -5.26 -18.98
CA ILE A 692 -15.09 -6.62 -18.71
C ILE A 692 -14.63 -7.62 -19.76
N ASN A 693 -14.65 -7.20 -21.03
CA ASN A 693 -14.13 -8.06 -22.09
C ASN A 693 -12.68 -8.48 -21.84
N ASP A 694 -11.90 -7.63 -21.14
CA ASP A 694 -10.53 -8.01 -20.81
C ASP A 694 -10.54 -9.18 -19.85
N LEU A 695 -11.47 -9.14 -18.89
CA LEU A 695 -11.57 -10.17 -17.86
C LEU A 695 -12.08 -11.50 -18.45
N THR A 696 -13.04 -11.41 -19.36
CA THR A 696 -13.55 -12.61 -20.04
C THR A 696 -12.81 -12.81 -21.36
#